data_9CLL
#
_entry.id   9CLL
#
_cell.length_a   138.208
_cell.length_b   47.271
_cell.length_c   140.512
_cell.angle_alpha   90.000
_cell.angle_beta   94.628
_cell.angle_gamma   90.000
#
_symmetry.space_group_name_H-M   'C 1 2 1'
#
loop_
_entity.id
_entity.type
_entity.pdbx_description
1 polymer 'tyrosine--tRNA ligase'
2 non-polymer '{(2R,3S,4R,5R)-5-[4-amino-3-(propan-2-yl)-1H-pyrazolo[3,4-d]pyrimidin-1-yl]-3,4-dihydroxyoxolan-2-yl}methyl [(2S)-2-amino-3-(4-hydroxyphenyl)propanoyl]sulfamate'
3 non-polymer 'MALONATE ION'
4 non-polymer 'CHLORIDE ION'
5 non-polymer 'SODIUM ION'
6 water water
#
_entity_poly.entity_id   1
_entity_poly.type   'polypeptide(L)'
_entity_poly.pdbx_seq_one_letter_code
;METTDTKREEQEIEEKKAQEESKIEDVDKILNDILSISSECIQPDELRVKLLLKRKLICYDGFEPSGRMHIAQGLLKSII
VNKLTSNGCTFIFWIADWFAHLNNKMSGDLKKIKKVGSYFIEVWKSCGMNMENVQFLWASEEINKKPNEYWSLVLDISRS
FNINRMKRCLKIMGRSEGEENYCSQILYPCMQCADIFFLNVDICQLGIDQRKVNMLAREYCDIKKIKKKPVILSHGMLPG
LLEGQEKMSKSDENSAIFMDDSESDVNRKIKKAYCPPNVIENNPIYAYAKSIIFPSYNEFNLVRKEKNGGDKTYYTLQEL
EHDYVNGFIHPLDLKDNVAMYINKLLQPVRDHFQNNIEAKNLLNEIKKYKVTK
;
_entity_poly.pdbx_strand_id   A,B
#
loop_
_chem_comp.id
_chem_comp.type
_chem_comp.name
_chem_comp.formula
A1AZG non-polymer '{(2R,3S,4R,5R)-5-[4-amino-3-(propan-2-yl)-1H-pyrazolo[3,4-d]pyrimidin-1-yl]-3,4-dihydroxyoxolan-2-yl}methyl [(2S)-2-amino-3-(4-hydroxyphenyl)propanoyl]sulfamate' 'C22 H29 N7 O8 S'
CL non-polymer 'CHLORIDE ION' 'Cl -1'
MLI non-polymer 'MALONATE ION' 'C3 H2 O4 -2'
NA non-polymer 'SODIUM ION' 'Na 1'
#
# COMPACT_ATOMS: atom_id res chain seq x y z
N LYS A 17 0.58 -29.65 43.98
CA LYS A 17 2.03 -29.86 44.12
C LYS A 17 2.61 -30.87 43.07
N ALA A 18 2.20 -32.14 43.05
CA ALA A 18 2.73 -32.99 41.97
C ALA A 18 2.18 -32.54 40.63
N GLN A 19 1.07 -31.78 40.67
CA GLN A 19 0.47 -31.21 39.48
C GLN A 19 1.32 -30.10 38.88
N GLU A 20 1.96 -29.27 39.73
CA GLU A 20 2.85 -28.22 39.24
C GLU A 20 4.00 -28.79 38.42
N GLU A 21 4.68 -29.79 38.98
CA GLU A 21 5.77 -30.44 38.26
C GLU A 21 5.28 -31.02 36.94
N SER A 22 4.14 -31.71 36.97
CA SER A 22 3.60 -32.35 35.77
C SER A 22 3.23 -31.31 34.70
N LYS A 23 2.69 -30.16 35.10
CA LYS A 23 2.42 -29.11 34.12
C LYS A 23 3.70 -28.65 33.43
N ILE A 24 4.75 -28.44 34.23
CA ILE A 24 6.05 -28.04 33.65
C ILE A 24 6.56 -29.11 32.66
N GLU A 25 6.53 -30.37 33.07
CA GLU A 25 7.03 -31.43 32.20
C GLU A 25 6.25 -31.46 30.88
N ASP A 26 4.93 -31.26 30.97
CA ASP A 26 4.10 -31.27 29.77
C ASP A 26 4.53 -30.16 28.84
N VAL A 27 4.72 -28.93 29.39
CA VAL A 27 5.10 -27.83 28.54
C VAL A 27 6.44 -28.12 27.87
N ASP A 28 7.40 -28.68 28.61
CA ASP A 28 8.70 -28.98 28.01
C ASP A 28 8.59 -29.97 26.85
N LYS A 29 7.76 -30.99 27.01
CA LYS A 29 7.52 -31.95 25.93
C LYS A 29 6.87 -31.28 24.72
N ILE A 30 5.83 -30.47 24.95
CA ILE A 30 5.16 -29.77 23.85
C ILE A 30 6.11 -28.82 23.14
N LEU A 31 6.96 -28.13 23.89
CA LEU A 31 7.95 -27.22 23.31
C LEU A 31 8.91 -27.98 22.42
N ASN A 32 9.55 -29.03 22.94
CA ASN A 32 10.47 -29.78 22.09
C ASN A 32 9.74 -30.40 20.88
N ASP A 33 8.47 -30.77 21.03
CA ASP A 33 7.72 -31.34 19.92
C ASP A 33 7.48 -30.30 18.82
N ILE A 34 6.95 -29.15 19.21
CA ILE A 34 6.73 -28.08 18.24
C ILE A 34 8.04 -27.72 17.54
N LEU A 35 9.13 -27.63 18.30
CA LEU A 35 10.40 -27.23 17.71
C LEU A 35 10.95 -28.27 16.73
N SER A 36 10.58 -29.54 16.89
CA SER A 36 11.15 -30.57 16.03
C SER A 36 10.85 -30.33 14.54
N ILE A 37 9.66 -29.81 14.22
CA ILE A 37 9.34 -29.62 12.80
C ILE A 37 9.94 -28.35 12.21
N SER A 38 10.68 -27.58 13.01
CA SER A 38 11.28 -26.31 12.61
C SER A 38 12.78 -26.42 12.35
N SER A 39 13.25 -25.66 11.39
CA SER A 39 14.68 -25.48 11.17
C SER A 39 15.22 -24.27 11.89
N GLU A 40 14.35 -23.33 12.25
CA GLU A 40 14.85 -22.22 13.05
C GLU A 40 13.68 -21.68 13.85
N CYS A 41 13.93 -21.30 15.10
CA CYS A 41 12.89 -20.70 15.93
C CYS A 41 13.40 -19.39 16.50
N ILE A 42 12.64 -18.33 16.29
CA ILE A 42 12.93 -17.02 16.84
C ILE A 42 11.72 -16.61 17.67
N GLN A 43 11.78 -16.77 19.00
CA GLN A 43 12.82 -17.48 19.79
C GLN A 43 12.21 -18.59 20.65
N PRO A 44 12.98 -19.66 20.96
CA PRO A 44 12.40 -20.75 21.76
C PRO A 44 11.86 -20.29 23.11
N ASP A 45 12.58 -19.37 23.76
CA ASP A 45 12.16 -18.83 25.06
C ASP A 45 10.79 -18.17 24.96
N GLU A 46 10.61 -17.41 23.87
CA GLU A 46 9.34 -16.75 23.60
C GLU A 46 8.25 -17.77 23.31
N LEU A 47 8.60 -18.86 22.61
CA LEU A 47 7.61 -19.89 22.34
C LEU A 47 7.19 -20.58 23.64
N ARG A 48 8.15 -20.89 24.52
CA ARG A 48 7.79 -21.43 25.83
C ARG A 48 6.78 -20.53 26.52
N VAL A 49 7.04 -19.21 26.51
CA VAL A 49 6.11 -18.25 27.13
C VAL A 49 4.73 -18.33 26.47
N LYS A 50 4.68 -18.31 25.13
CA LYS A 50 3.39 -18.51 24.46
C LYS A 50 2.67 -19.76 24.96
N LEU A 51 3.41 -20.86 25.11
CA LEU A 51 2.82 -22.13 25.54
C LEU A 51 2.24 -22.06 26.95
N LEU A 52 2.77 -21.16 27.78
CA LEU A 52 2.20 -20.98 29.12
C LEU A 52 0.92 -20.11 29.13
N LEU A 53 0.48 -19.59 27.99
CA LEU A 53 -0.67 -18.67 27.96
C LEU A 53 -2.01 -19.31 28.25
N LYS A 54 -2.15 -20.62 28.14
CA LYS A 54 -3.40 -21.30 28.51
C LYS A 54 -4.56 -20.88 27.60
N ARG A 55 -4.27 -20.84 26.30
CA ARG A 55 -5.21 -20.56 25.22
C ARG A 55 -4.52 -21.09 23.98
N LYS A 56 -5.32 -21.41 22.96
CA LYS A 56 -4.75 -21.84 21.68
C LYS A 56 -3.86 -20.77 21.08
N LEU A 57 -2.68 -21.15 20.59
CA LEU A 57 -1.85 -20.25 19.79
C LEU A 57 -2.33 -20.29 18.33
N ILE A 58 -2.38 -19.12 17.71
CA ILE A 58 -2.72 -19.00 16.31
C ILE A 58 -1.44 -19.12 15.48
N CYS A 59 -1.40 -20.10 14.58
CA CYS A 59 -0.29 -20.29 13.66
C CYS A 59 -0.78 -20.04 12.25
N TYR A 60 0.14 -19.67 11.35
CA TYR A 60 -0.34 -19.59 9.96
C TYR A 60 0.81 -19.80 8.98
N ASP A 61 0.42 -20.12 7.75
CA ASP A 61 1.30 -20.14 6.59
C ASP A 61 0.44 -19.56 5.49
N GLY A 62 1.06 -19.02 4.44
CA GLY A 62 0.31 -18.41 3.34
C GLY A 62 0.88 -18.85 2.01
N PHE A 63 0.03 -18.79 0.98
CA PHE A 63 0.35 -19.47 -0.28
C PHE A 63 -0.18 -18.66 -1.43
N GLU A 64 0.70 -18.31 -2.38
CA GLU A 64 0.25 -17.70 -3.63
C GLU A 64 -0.35 -18.81 -4.49
N PRO A 65 -1.64 -18.74 -4.91
CA PRO A 65 -2.12 -19.79 -5.83
C PRO A 65 -1.54 -19.54 -7.20
N SER A 66 -0.40 -20.15 -7.54
CA SER A 66 0.38 -19.77 -8.73
C SER A 66 0.53 -20.84 -9.79
N GLY A 67 0.06 -22.06 -9.56
CA GLY A 67 0.31 -23.18 -10.43
C GLY A 67 0.14 -24.46 -9.63
N ARG A 68 0.91 -25.48 -10.00
CA ARG A 68 0.83 -26.72 -9.25
C ARG A 68 1.34 -26.55 -7.81
N MET A 69 0.86 -27.42 -6.92
CA MET A 69 1.25 -27.36 -5.52
C MET A 69 2.53 -28.18 -5.30
N HIS A 70 3.57 -27.54 -4.77
CA HIS A 70 4.81 -28.23 -4.44
C HIS A 70 4.55 -29.25 -3.32
N ILE A 71 5.25 -30.40 -3.34
CA ILE A 71 5.00 -31.38 -2.29
C ILE A 71 5.27 -30.76 -0.91
N ALA A 72 6.20 -29.81 -0.82
CA ALA A 72 6.42 -29.13 0.45
C ALA A 72 5.16 -28.43 0.96
N GLN A 73 4.36 -27.88 0.06
CA GLN A 73 3.20 -27.11 0.48
C GLN A 73 1.96 -27.97 0.74
N GLY A 74 2.03 -29.26 0.42
CA GLY A 74 0.93 -30.17 0.68
C GLY A 74 1.33 -31.22 1.70
N LEU A 75 2.18 -32.18 1.33
CA LEU A 75 2.48 -33.27 2.27
C LEU A 75 3.23 -32.77 3.51
N LEU A 76 4.30 -31.98 3.29
CA LEU A 76 5.08 -31.49 4.41
C LEU A 76 4.26 -30.58 5.28
N LYS A 77 3.48 -29.69 4.66
CA LYS A 77 2.63 -28.83 5.45
C LYS A 77 1.70 -29.66 6.33
N SER A 78 1.12 -30.73 5.78
CA SER A 78 0.18 -31.48 6.60
C SER A 78 0.90 -32.15 7.78
N ILE A 79 2.15 -32.59 7.60
CA ILE A 79 2.86 -33.16 8.76
C ILE A 79 3.02 -32.10 9.86
N ILE A 80 3.45 -30.90 9.46
CA ILE A 80 3.67 -29.82 10.42
C ILE A 80 2.37 -29.38 11.08
N VAL A 81 1.33 -29.19 10.29
CA VAL A 81 0.08 -28.71 10.87
C VAL A 81 -0.46 -29.73 11.86
N ASN A 82 -0.39 -31.04 11.54
CA ASN A 82 -0.88 -32.05 12.47
C ASN A 82 -0.11 -32.02 13.79
N LYS A 83 1.21 -31.84 13.71
CA LYS A 83 2.02 -31.61 14.92
C LYS A 83 1.48 -30.41 15.75
N LEU A 84 1.23 -29.28 15.09
CA LEU A 84 0.86 -28.08 15.83
C LEU A 84 -0.54 -28.19 16.44
N THR A 85 -1.51 -28.69 15.66
CA THR A 85 -2.89 -28.74 16.12
C THR A 85 -3.08 -29.81 17.19
N SER A 86 -2.24 -30.83 17.21
CA SER A 86 -2.30 -31.75 18.33
C SER A 86 -1.54 -31.21 19.54
N ASN A 87 -0.79 -30.12 19.37
CA ASN A 87 -0.07 -29.51 20.50
C ASN A 87 -0.60 -28.12 20.92
N GLY A 88 -1.92 -27.91 20.87
CA GLY A 88 -2.48 -26.69 21.45
C GLY A 88 -2.59 -25.48 20.53
N CYS A 89 -2.47 -25.67 19.21
CA CYS A 89 -2.50 -24.58 18.23
C CYS A 89 -3.71 -24.70 17.34
N THR A 90 -4.08 -23.57 16.75
CA THR A 90 -5.04 -23.49 15.65
C THR A 90 -4.27 -22.95 14.46
N PHE A 91 -4.64 -23.37 13.25
CA PHE A 91 -3.79 -23.16 12.10
C PHE A 91 -4.61 -22.54 10.99
N ILE A 92 -4.10 -21.46 10.43
CA ILE A 92 -4.74 -20.78 9.31
C ILE A 92 -3.93 -21.04 8.05
N PHE A 93 -4.59 -21.54 7.00
CA PHE A 93 -4.02 -21.52 5.67
C PHE A 93 -4.51 -20.24 5.02
N TRP A 94 -3.59 -19.33 4.66
CA TRP A 94 -3.95 -18.04 4.07
C TRP A 94 -3.76 -18.14 2.56
N ILE A 95 -4.87 -18.18 1.83
CA ILE A 95 -4.82 -18.27 0.38
C ILE A 95 -4.54 -16.86 -0.12
N ALA A 96 -3.32 -16.62 -0.59
CA ALA A 96 -2.80 -15.26 -0.79
C ALA A 96 -3.09 -14.82 -2.23
N ASP A 97 -4.38 -14.81 -2.53
CA ASP A 97 -4.81 -14.61 -3.90
C ASP A 97 -4.41 -13.23 -4.40
N TRP A 98 -4.66 -12.19 -3.58
CA TRP A 98 -4.23 -10.84 -3.98
C TRP A 98 -2.73 -10.74 -4.13
N PHE A 99 -1.98 -11.50 -3.34
CA PHE A 99 -0.52 -11.48 -3.43
C PHE A 99 -0.03 -12.13 -4.72
N ALA A 100 -0.63 -13.28 -5.12
CA ALA A 100 -0.33 -13.89 -6.40
C ALA A 100 -0.57 -12.89 -7.52
N HIS A 101 -1.69 -12.16 -7.44
CA HIS A 101 -2.01 -11.14 -8.46
C HIS A 101 -0.95 -10.05 -8.45
N LEU A 102 -0.60 -9.56 -7.27
CA LEU A 102 0.40 -8.51 -7.17
C LEU A 102 1.73 -8.97 -7.72
N ASN A 103 2.02 -10.29 -7.60
CA ASN A 103 3.29 -10.85 -8.01
C ASN A 103 3.24 -11.41 -9.43
N ASN A 104 2.21 -11.02 -10.18
CA ASN A 104 2.12 -11.31 -11.61
C ASN A 104 2.00 -12.81 -11.91
N LYS A 105 1.40 -13.59 -11.01
CA LYS A 105 1.23 -15.01 -11.26
C LYS A 105 0.00 -15.26 -12.13
N MET A 106 0.04 -16.31 -12.94
CA MET A 106 -1.15 -16.69 -13.70
C MET A 106 -1.63 -15.53 -14.57
N SER A 107 -0.68 -14.79 -15.17
CA SER A 107 -1.02 -13.66 -16.02
C SER A 107 -1.71 -12.54 -15.24
N GLY A 108 -1.53 -12.50 -13.91
CA GLY A 108 -2.29 -11.63 -13.04
C GLY A 108 -3.75 -11.94 -12.93
N ASP A 109 -4.25 -12.97 -13.65
CA ASP A 109 -5.68 -13.19 -13.87
C ASP A 109 -6.35 -13.69 -12.60
N LEU A 110 -7.22 -12.86 -12.01
CA LEU A 110 -7.78 -13.17 -10.70
C LEU A 110 -8.74 -14.37 -10.76
N LYS A 111 -9.35 -14.59 -11.94
CA LYS A 111 -10.19 -15.78 -12.12
C LYS A 111 -9.38 -17.07 -12.02
N LYS A 112 -8.24 -17.13 -12.71
CA LYS A 112 -7.40 -18.33 -12.66
C LYS A 112 -6.84 -18.51 -11.25
N ILE A 113 -6.44 -17.40 -10.61
CA ILE A 113 -5.87 -17.46 -9.26
C ILE A 113 -6.90 -18.00 -8.29
N LYS A 114 -8.15 -17.57 -8.40
CA LYS A 114 -9.21 -18.14 -7.57
C LYS A 114 -9.40 -19.64 -7.84
N LYS A 115 -9.36 -20.05 -9.12
CA LYS A 115 -9.51 -21.47 -9.41
C LYS A 115 -8.39 -22.29 -8.78
N VAL A 116 -7.16 -21.81 -8.92
CA VAL A 116 -6.02 -22.53 -8.37
C VAL A 116 -6.12 -22.58 -6.85
N GLY A 117 -6.54 -21.47 -6.21
CA GLY A 117 -6.74 -21.51 -4.77
C GLY A 117 -7.77 -22.55 -4.35
N SER A 118 -8.89 -22.65 -5.09
CA SER A 118 -9.85 -23.73 -4.84
C SER A 118 -9.19 -25.09 -4.94
N TYR A 119 -8.35 -25.27 -5.95
CA TYR A 119 -7.67 -26.56 -6.09
C TYR A 119 -6.75 -26.84 -4.90
N PHE A 120 -6.02 -25.82 -4.42
CA PHE A 120 -5.16 -26.01 -3.25
C PHE A 120 -5.99 -26.51 -2.07
N ILE A 121 -7.15 -25.90 -1.84
CA ILE A 121 -7.97 -26.32 -0.70
C ILE A 121 -8.40 -27.77 -0.87
N GLU A 122 -8.77 -28.15 -2.10
CA GLU A 122 -9.14 -29.53 -2.36
C GLU A 122 -7.99 -30.48 -2.00
N VAL A 123 -6.77 -30.13 -2.44
CA VAL A 123 -5.59 -30.94 -2.10
C VAL A 123 -5.43 -31.04 -0.60
N TRP A 124 -5.43 -29.89 0.08
CA TRP A 124 -5.16 -29.89 1.52
C TRP A 124 -6.19 -30.72 2.27
N LYS A 125 -7.46 -30.65 1.85
CA LYS A 125 -8.48 -31.48 2.49
C LYS A 125 -8.28 -32.97 2.22
N SER A 126 -7.54 -33.36 1.19
CA SER A 126 -7.24 -34.79 1.10
C SER A 126 -5.83 -35.15 1.61
N CYS A 127 -5.18 -34.25 2.34
CA CYS A 127 -3.79 -34.49 2.69
C CYS A 127 -3.59 -35.15 4.04
N GLY A 128 -4.67 -35.52 4.73
CA GLY A 128 -4.47 -36.25 5.96
C GLY A 128 -4.41 -35.39 7.21
N MET A 129 -4.99 -34.18 7.20
CA MET A 129 -4.90 -33.30 8.35
C MET A 129 -6.16 -33.40 9.19
N ASN A 130 -5.98 -33.30 10.51
CA ASN A 130 -7.09 -33.09 11.43
C ASN A 130 -7.59 -31.67 11.24
N MET A 131 -8.84 -31.54 10.78
CA MET A 131 -9.37 -30.24 10.39
C MET A 131 -10.09 -29.53 11.52
N GLU A 132 -10.27 -30.12 12.71
CA GLU A 132 -11.12 -29.40 13.64
C GLU A 132 -10.56 -28.02 13.97
N ASN A 133 -9.23 -27.88 14.00
CA ASN A 133 -8.56 -26.63 14.36
C ASN A 133 -7.83 -25.99 13.20
N VAL A 134 -8.26 -26.25 11.96
CA VAL A 134 -7.68 -25.66 10.76
C VAL A 134 -8.73 -24.81 10.05
N GLN A 135 -8.31 -23.68 9.52
CA GLN A 135 -9.15 -22.81 8.71
C GLN A 135 -8.46 -22.51 7.40
N PHE A 136 -9.24 -22.35 6.33
CA PHE A 136 -8.77 -21.86 5.05
C PHE A 136 -9.36 -20.46 4.88
N LEU A 137 -8.51 -19.43 4.89
CA LEU A 137 -8.95 -18.04 4.79
C LEU A 137 -8.40 -17.48 3.49
N TRP A 138 -9.26 -16.81 2.73
CA TRP A 138 -8.83 -16.12 1.52
C TRP A 138 -8.44 -14.68 1.84
N ALA A 139 -7.26 -14.25 1.34
CA ALA A 139 -6.78 -12.90 1.65
C ALA A 139 -7.78 -11.85 1.21
N SER A 140 -8.19 -11.89 -0.06
CA SER A 140 -9.10 -10.83 -0.51
C SER A 140 -10.37 -10.77 0.33
N GLU A 141 -10.98 -11.93 0.63
CA GLU A 141 -12.22 -11.94 1.40
C GLU A 141 -12.03 -11.34 2.79
N GLU A 142 -10.96 -11.73 3.46
CA GLU A 142 -10.77 -11.29 4.84
C GLU A 142 -10.39 -9.82 4.90
N ILE A 143 -9.56 -9.39 3.95
CA ILE A 143 -9.18 -7.99 3.92
C ILE A 143 -10.42 -7.14 3.68
N ASN A 144 -11.28 -7.56 2.75
CA ASN A 144 -12.46 -6.72 2.47
C ASN A 144 -13.53 -6.80 3.55
N LYS A 145 -13.49 -7.78 4.45
CA LYS A 145 -14.34 -7.74 5.64
C LYS A 145 -13.93 -6.62 6.62
N LYS A 146 -12.64 -6.25 6.68
CA LYS A 146 -12.13 -5.26 7.65
C LYS A 146 -11.10 -4.37 6.98
N PRO A 147 -11.50 -3.67 5.92
CA PRO A 147 -10.48 -2.99 5.10
C PRO A 147 -9.93 -1.74 5.77
N ASN A 148 -10.67 -1.10 6.67
CA ASN A 148 -10.06 0.01 7.39
C ASN A 148 -8.94 -0.48 8.31
N GLU A 149 -9.24 -1.48 9.12
CA GLU A 149 -8.20 -2.07 9.94
C GLU A 149 -7.00 -2.51 9.09
N TYR A 150 -7.27 -3.25 8.01
CA TYR A 150 -6.17 -3.86 7.26
C TYR A 150 -5.31 -2.79 6.60
N TRP A 151 -5.93 -1.91 5.82
CA TRP A 151 -5.08 -0.97 5.11
C TRP A 151 -4.47 0.06 6.04
N SER A 152 -5.07 0.33 7.21
CA SER A 152 -4.39 1.20 8.16
C SER A 152 -3.12 0.58 8.68
N LEU A 153 -3.13 -0.76 8.92
CA LEU A 153 -1.91 -1.47 9.28
C LEU A 153 -0.86 -1.33 8.17
N VAL A 154 -1.27 -1.64 6.94
CA VAL A 154 -0.35 -1.57 5.80
C VAL A 154 0.33 -0.18 5.73
N LEU A 155 -0.48 0.89 5.80
CA LEU A 155 0.09 2.24 5.75
C LEU A 155 0.99 2.54 6.95
N ASP A 156 0.61 2.09 8.16
CA ASP A 156 1.47 2.37 9.31
C ASP A 156 2.82 1.65 9.17
N ILE A 157 2.81 0.42 8.69
CA ILE A 157 4.04 -0.29 8.38
C ILE A 157 4.84 0.47 7.36
N SER A 158 4.19 0.97 6.32
CA SER A 158 4.96 1.68 5.31
C SER A 158 5.63 2.94 5.87
N ARG A 159 5.00 3.58 6.88
CA ARG A 159 5.59 4.75 7.52
C ARG A 159 6.78 4.42 8.37
N SER A 160 6.89 3.18 8.79
CA SER A 160 7.90 2.77 9.77
C SER A 160 9.24 2.33 9.17
N PHE A 161 9.33 2.07 7.87
CA PHE A 161 10.51 1.42 7.30
C PHE A 161 10.94 2.12 6.02
N ASN A 162 12.25 2.15 5.77
CA ASN A 162 12.65 2.82 4.54
C ASN A 162 12.65 1.86 3.36
N ILE A 163 12.77 2.44 2.15
CA ILE A 163 12.63 1.65 0.92
C ILE A 163 13.69 0.54 0.85
N ASN A 164 14.93 0.85 1.24
CA ASN A 164 15.97 -0.17 1.15
C ASN A 164 15.68 -1.36 2.05
N ARG A 165 15.16 -1.09 3.25
CA ARG A 165 14.81 -2.17 4.17
C ARG A 165 13.76 -3.06 3.56
N MET A 166 12.79 -2.46 2.89
CA MET A 166 11.71 -3.24 2.31
C MET A 166 12.19 -3.99 1.06
N LYS A 167 13.11 -3.42 0.29
CA LYS A 167 13.67 -4.13 -0.85
C LYS A 167 14.42 -5.37 -0.40
N ARG A 168 15.01 -5.32 0.80
CA ARG A 168 15.64 -6.55 1.27
C ARG A 168 14.65 -7.66 1.60
N CYS A 169 13.34 -7.43 1.52
CA CYS A 169 12.36 -8.50 1.68
C CYS A 169 12.01 -9.18 0.38
N LEU A 170 12.72 -8.87 -0.72
CA LEU A 170 12.33 -9.35 -2.06
C LEU A 170 12.28 -10.89 -2.14
N LYS A 171 13.08 -11.59 -1.34
CA LYS A 171 13.09 -13.06 -1.42
C LYS A 171 11.69 -13.63 -1.15
N ILE A 172 10.88 -12.92 -0.36
CA ILE A 172 9.56 -13.48 -0.03
C ILE A 172 8.67 -13.52 -1.25
N MET A 173 9.01 -12.74 -2.29
CA MET A 173 8.28 -12.77 -3.56
C MET A 173 8.90 -13.72 -4.58
N GLY A 174 9.93 -14.45 -4.18
CA GLY A 174 10.59 -15.38 -5.09
C GLY A 174 11.28 -14.71 -6.24
N ARG A 175 11.85 -13.54 -6.03
CA ARG A 175 12.43 -12.75 -7.10
C ARG A 175 13.86 -12.40 -6.75
N SER A 176 14.68 -12.25 -7.80
CA SER A 176 16.09 -11.90 -7.72
C SER A 176 16.25 -10.40 -7.94
N GLU A 177 17.32 -9.83 -7.38
CA GLU A 177 17.42 -8.38 -7.36
C GLU A 177 17.78 -7.78 -8.73
N GLY A 178 18.35 -8.57 -9.65
CA GLY A 178 18.78 -8.02 -10.92
C GLY A 178 17.67 -7.49 -11.81
N GLU A 179 16.41 -7.73 -11.47
CA GLU A 179 15.29 -7.33 -12.32
C GLU A 179 14.77 -5.94 -11.95
N GLU A 180 13.84 -5.46 -12.79
CA GLU A 180 13.22 -4.17 -12.55
C GLU A 180 12.42 -4.23 -11.26
N ASN A 181 12.52 -3.18 -10.47
CA ASN A 181 11.90 -3.17 -9.15
C ASN A 181 10.59 -2.40 -9.22
N TYR A 182 9.50 -3.10 -9.48
CA TYR A 182 8.20 -2.45 -9.47
C TYR A 182 7.79 -2.09 -8.05
N CYS A 183 6.96 -1.05 -7.93
CA CYS A 183 6.49 -0.61 -6.61
C CYS A 183 5.71 -1.71 -5.90
N SER A 184 5.14 -2.64 -6.65
CA SER A 184 4.47 -3.80 -6.07
C SER A 184 5.42 -4.54 -5.13
N GLN A 185 6.74 -4.45 -5.39
CA GLN A 185 7.72 -5.11 -4.51
C GLN A 185 7.91 -4.40 -3.18
N ILE A 186 7.31 -3.22 -3.03
CA ILE A 186 7.18 -2.53 -1.75
C ILE A 186 5.85 -2.84 -1.11
N LEU A 187 4.75 -2.80 -1.89
CA LEU A 187 3.44 -3.03 -1.27
C LEU A 187 3.34 -4.45 -0.73
N TYR A 188 3.80 -5.43 -1.50
CA TYR A 188 3.70 -6.87 -1.11
C TYR A 188 4.28 -7.14 0.27
N PRO A 189 5.55 -6.82 0.55
CA PRO A 189 6.03 -7.08 1.93
C PRO A 189 5.30 -6.24 2.98
N CYS A 190 4.88 -4.97 2.69
CA CYS A 190 4.11 -4.26 3.71
C CYS A 190 2.88 -5.06 4.03
N MET A 191 2.26 -5.63 2.99
CA MET A 191 1.00 -6.34 3.16
C MET A 191 1.25 -7.68 3.88
N GLN A 192 2.29 -8.40 3.51
CA GLN A 192 2.53 -9.66 4.21
C GLN A 192 2.81 -9.37 5.68
N CYS A 193 3.52 -8.26 5.94
CA CYS A 193 3.79 -7.92 7.34
C CYS A 193 2.47 -7.62 8.04
N ALA A 194 1.59 -6.88 7.35
CA ALA A 194 0.30 -6.54 7.95
C ALA A 194 -0.49 -7.80 8.29
N ASP A 195 -0.41 -8.84 7.42
CA ASP A 195 -1.18 -10.06 7.64
C ASP A 195 -0.92 -10.63 9.03
N ILE A 196 0.35 -10.59 9.45
CA ILE A 196 0.76 -11.19 10.72
C ILE A 196 -0.03 -10.59 11.86
N PHE A 197 -0.28 -9.27 11.81
CA PHE A 197 -1.03 -8.59 12.87
C PHE A 197 -2.52 -8.71 12.63
N PHE A 198 -2.92 -8.64 11.37
CA PHE A 198 -4.35 -8.68 11.03
C PHE A 198 -4.97 -10.02 11.47
N LEU A 199 -4.23 -11.09 11.30
CA LEU A 199 -4.70 -12.41 11.71
C LEU A 199 -4.41 -12.72 13.18
N ASN A 200 -3.77 -11.80 13.90
CA ASN A 200 -3.44 -11.99 15.32
C ASN A 200 -2.62 -13.27 15.52
N VAL A 201 -1.61 -13.46 14.66
CA VAL A 201 -0.81 -14.69 14.68
C VAL A 201 0.10 -14.70 15.91
N ASP A 202 0.21 -15.86 16.55
CA ASP A 202 1.23 -16.13 17.58
C ASP A 202 2.50 -16.69 16.97
N ILE A 203 2.36 -17.53 15.95
CA ILE A 203 3.46 -18.24 15.34
C ILE A 203 3.35 -18.11 13.83
N CYS A 204 4.33 -17.45 13.23
CA CYS A 204 4.50 -17.50 11.78
C CYS A 204 5.22 -18.78 11.42
N GLN A 205 4.53 -19.68 10.73
CA GLN A 205 5.10 -20.99 10.42
C GLN A 205 5.17 -21.09 8.88
N LEU A 206 6.20 -20.48 8.30
CA LEU A 206 6.44 -20.45 6.87
C LEU A 206 7.83 -20.96 6.58
N GLY A 207 8.14 -21.11 5.30
CA GLY A 207 9.47 -21.50 4.93
C GLY A 207 10.51 -20.47 5.32
N ILE A 208 11.76 -20.92 5.51
CA ILE A 208 12.82 -20.00 5.87
C ILE A 208 13.01 -18.91 4.80
N ASP A 209 12.56 -19.15 3.55
CA ASP A 209 12.68 -18.05 2.58
C ASP A 209 11.75 -16.88 2.88
N GLN A 210 10.83 -16.99 3.84
CA GLN A 210 10.00 -15.83 4.22
C GLN A 210 10.60 -15.04 5.39
N ARG A 211 11.78 -15.45 5.89
CA ARG A 211 12.28 -14.93 7.15
C ARG A 211 12.35 -13.39 7.20
N LYS A 212 12.77 -12.73 6.11
CA LYS A 212 12.99 -11.29 6.16
C LYS A 212 11.71 -10.56 6.57
N VAL A 213 10.56 -10.93 5.99
CA VAL A 213 9.38 -10.16 6.34
C VAL A 213 8.89 -10.58 7.71
N ASN A 214 9.15 -11.82 8.12
CA ASN A 214 8.82 -12.19 9.49
C ASN A 214 9.69 -11.43 10.48
N MET A 215 10.97 -11.19 10.13
CA MET A 215 11.79 -10.37 11.03
C MET A 215 11.29 -8.94 11.04
N LEU A 216 10.75 -8.48 9.90
CA LEU A 216 10.24 -7.12 9.80
C LEU A 216 9.11 -6.91 10.79
N ALA A 217 8.23 -7.92 10.92
CA ALA A 217 7.10 -7.78 11.84
C ALA A 217 7.61 -7.66 13.27
N ARG A 218 8.62 -8.44 13.59
CA ARG A 218 9.16 -8.35 14.95
C ARG A 218 9.73 -6.97 15.20
N GLU A 219 10.49 -6.46 14.23
CA GLU A 219 11.05 -5.14 14.41
C GLU A 219 9.93 -4.11 14.53
N TYR A 220 8.84 -4.32 13.78
CA TYR A 220 7.76 -3.34 13.85
C TYR A 220 7.16 -3.28 15.24
N CYS A 221 7.04 -4.45 15.92
CA CYS A 221 6.57 -4.44 17.30
C CYS A 221 7.48 -3.61 18.17
N ASP A 222 8.81 -3.78 17.99
CA ASP A 222 9.73 -3.04 18.84
C ASP A 222 9.58 -1.55 18.59
N ILE A 223 9.35 -1.18 17.35
CA ILE A 223 9.22 0.23 16.98
C ILE A 223 7.99 0.82 17.65
N LYS A 224 6.89 0.05 17.68
CA LYS A 224 5.61 0.51 18.18
C LYS A 224 5.39 0.22 19.65
N LYS A 225 6.37 -0.38 20.34
CA LYS A 225 6.23 -0.75 21.75
C LYS A 225 5.12 -1.78 21.96
N ILE A 226 4.91 -2.63 20.96
CA ILE A 226 3.95 -3.72 21.06
C ILE A 226 4.69 -4.89 21.66
N LYS A 227 4.24 -5.33 22.82
CA LYS A 227 4.90 -6.39 23.56
C LYS A 227 4.47 -7.76 23.07
N LYS A 228 3.29 -7.87 22.48
CA LYS A 228 2.84 -9.13 21.89
C LYS A 228 3.56 -9.33 20.55
N LYS A 229 4.58 -10.17 20.54
CA LYS A 229 5.42 -10.35 19.35
C LYS A 229 5.28 -11.78 18.83
N PRO A 230 5.26 -11.95 17.50
CA PRO A 230 5.11 -13.28 16.91
C PRO A 230 6.39 -14.09 16.98
N VAL A 231 6.24 -15.39 17.25
CA VAL A 231 7.36 -16.31 17.17
C VAL A 231 7.50 -16.75 15.72
N ILE A 232 8.71 -16.73 15.19
CA ILE A 232 8.98 -17.20 13.83
C ILE A 232 9.46 -18.63 13.93
N LEU A 233 8.63 -19.59 13.50
CA LEU A 233 8.95 -21.03 13.55
C LEU A 233 9.11 -21.48 12.11
N SER A 234 10.31 -21.31 11.54
CA SER A 234 10.47 -21.52 10.11
C SER A 234 10.82 -22.99 9.84
N HIS A 235 10.21 -23.54 8.79
CA HIS A 235 10.60 -24.88 8.36
C HIS A 235 11.65 -24.75 7.26
N GLY A 236 12.46 -25.81 7.11
CA GLY A 236 13.50 -25.78 6.10
C GLY A 236 12.97 -25.89 4.69
N MET A 237 13.70 -25.33 3.74
CA MET A 237 13.31 -25.45 2.35
C MET A 237 13.64 -26.85 1.86
N LEU A 238 12.68 -27.50 1.23
CA LEU A 238 12.94 -28.82 0.69
C LEU A 238 13.82 -28.65 -0.55
N PRO A 239 14.96 -29.34 -0.63
CA PRO A 239 15.86 -29.12 -1.77
C PRO A 239 15.29 -29.64 -3.09
N GLY A 240 15.79 -29.07 -4.18
CA GLY A 240 15.49 -29.60 -5.50
C GLY A 240 16.11 -30.97 -5.71
N LEU A 241 15.43 -31.77 -6.52
CA LEU A 241 15.84 -33.15 -6.77
C LEU A 241 17.20 -33.24 -7.44
N LEU A 242 17.61 -32.22 -8.18
CA LEU A 242 18.87 -32.26 -8.91
C LEU A 242 20.01 -31.61 -8.13
N GLU A 243 21.23 -32.02 -8.45
CA GLU A 243 22.41 -31.62 -7.67
C GLU A 243 22.59 -30.10 -7.70
N GLY A 244 22.78 -29.51 -6.52
CA GLY A 244 22.98 -28.08 -6.38
C GLY A 244 21.73 -27.25 -6.20
N GLN A 245 20.57 -27.88 -5.99
CA GLN A 245 19.30 -27.14 -5.91
C GLN A 245 18.79 -26.98 -4.47
N GLU A 253 9.86 -28.40 -12.39
CA GLU A 253 9.58 -29.48 -13.34
C GLU A 253 10.06 -30.83 -12.84
N ASN A 254 11.22 -31.27 -13.33
CA ASN A 254 11.91 -32.41 -12.76
C ASN A 254 12.71 -32.04 -11.51
N SER A 255 12.59 -30.81 -11.02
CA SER A 255 13.35 -30.44 -9.83
C SER A 255 12.58 -30.68 -8.54
N ALA A 256 11.28 -30.98 -8.61
CA ALA A 256 10.54 -31.23 -7.38
C ALA A 256 9.34 -32.12 -7.68
N ILE A 257 8.87 -32.80 -6.64
CA ILE A 257 7.59 -33.50 -6.69
C ILE A 257 6.47 -32.49 -6.47
N PHE A 258 5.43 -32.55 -7.31
CA PHE A 258 4.19 -31.81 -7.15
C PHE A 258 3.06 -32.75 -6.72
N MET A 259 1.99 -32.16 -6.17
CA MET A 259 0.89 -32.90 -5.53
C MET A 259 0.03 -33.68 -6.52
N ASP A 260 0.07 -33.32 -7.80
CA ASP A 260 -0.69 -34.08 -8.78
C ASP A 260 0.15 -35.14 -9.49
N ASP A 261 1.46 -35.19 -9.25
CA ASP A 261 2.32 -36.16 -9.94
C ASP A 261 1.80 -37.59 -9.74
N SER A 262 1.89 -38.42 -10.78
CA SER A 262 1.50 -39.83 -10.72
C SER A 262 2.61 -40.71 -10.10
N GLU A 263 2.27 -41.99 -9.83
CA GLU A 263 3.28 -42.88 -9.26
C GLU A 263 4.49 -42.98 -10.18
N SER A 264 4.26 -43.01 -11.50
CA SER A 264 5.40 -43.08 -12.41
C SER A 264 6.11 -41.73 -12.50
N ASP A 265 5.38 -40.61 -12.39
CA ASP A 265 6.03 -39.31 -12.31
C ASP A 265 7.01 -39.28 -11.15
N VAL A 266 6.54 -39.69 -9.97
CA VAL A 266 7.39 -39.73 -8.79
C VAL A 266 8.56 -40.67 -9.01
N ASN A 267 8.27 -41.86 -9.53
CA ASN A 267 9.32 -42.84 -9.78
C ASN A 267 10.38 -42.31 -10.75
N ARG A 268 9.95 -41.73 -11.87
CA ARG A 268 10.89 -41.13 -12.83
C ARG A 268 11.70 -39.98 -12.22
N LYS A 269 11.07 -39.08 -11.44
CA LYS A 269 11.84 -37.97 -10.90
C LYS A 269 12.78 -38.39 -9.79
N ILE A 270 12.36 -39.30 -8.92
CA ILE A 270 13.22 -39.75 -7.84
C ILE A 270 14.38 -40.55 -8.39
N LYS A 271 14.11 -41.37 -9.40
CA LYS A 271 15.13 -42.25 -9.95
C LYS A 271 16.31 -41.46 -10.48
N LYS A 272 16.04 -40.29 -11.06
CA LYS A 272 17.07 -39.43 -11.62
C LYS A 272 17.58 -38.41 -10.61
N ALA A 273 17.06 -38.40 -9.39
CA ALA A 273 17.48 -37.37 -8.44
C ALA A 273 18.91 -37.60 -7.98
N TYR A 274 19.49 -36.54 -7.42
CA TYR A 274 20.80 -36.64 -6.82
C TYR A 274 20.71 -37.42 -5.52
N CYS A 275 21.50 -38.48 -5.41
CA CYS A 275 21.47 -39.37 -4.24
C CYS A 275 22.87 -39.95 -4.04
N PRO A 276 23.80 -39.12 -3.54
CA PRO A 276 25.19 -39.56 -3.46
C PRO A 276 25.34 -40.80 -2.59
N PRO A 277 25.98 -41.85 -3.10
CA PRO A 277 26.15 -43.06 -2.28
C PRO A 277 26.91 -42.77 -0.99
N ASN A 278 26.39 -43.28 0.12
CA ASN A 278 27.07 -43.24 1.42
C ASN A 278 27.22 -41.82 1.97
N VAL A 279 26.61 -40.82 1.35
CA VAL A 279 26.72 -39.42 1.75
C VAL A 279 25.32 -38.89 2.02
N ILE A 280 25.13 -38.27 3.18
CA ILE A 280 23.82 -37.72 3.52
C ILE A 280 23.67 -36.26 3.11
N GLU A 281 24.71 -35.46 3.27
CA GLU A 281 24.53 -34.03 3.07
C GLU A 281 24.19 -33.69 1.63
N ASN A 282 23.16 -32.83 1.47
CA ASN A 282 22.64 -32.30 0.21
C ASN A 282 21.96 -33.36 -0.64
N ASN A 283 21.74 -34.55 -0.09
CA ASN A 283 21.13 -35.67 -0.79
C ASN A 283 19.63 -35.46 -0.64
N PRO A 284 18.97 -34.84 -1.62
CA PRO A 284 17.56 -34.45 -1.42
C PRO A 284 16.66 -35.64 -1.18
N ILE A 285 17.03 -36.84 -1.64
CA ILE A 285 16.30 -38.03 -1.27
C ILE A 285 16.26 -38.16 0.25
N TYR A 286 17.42 -38.04 0.87
CA TYR A 286 17.47 -38.08 2.32
C TYR A 286 16.67 -36.94 2.92
N ALA A 287 16.68 -35.78 2.26
CA ALA A 287 15.85 -34.68 2.75
C ALA A 287 14.37 -35.08 2.82
N TYR A 288 13.89 -35.79 1.78
CA TYR A 288 12.51 -36.29 1.81
C TYR A 288 12.31 -37.32 2.93
N ALA A 289 13.23 -38.28 3.04
CA ALA A 289 13.10 -39.27 4.12
C ALA A 289 12.97 -38.57 5.48
N LYS A 290 13.86 -37.65 5.77
CA LYS A 290 13.90 -37.05 7.09
C LYS A 290 12.74 -36.06 7.37
N SER A 291 12.25 -35.32 6.35
CA SER A 291 11.31 -34.24 6.67
C SER A 291 9.83 -34.57 6.42
N ILE A 292 9.56 -35.50 5.52
CA ILE A 292 8.22 -35.94 5.18
C ILE A 292 7.92 -37.36 5.73
N ILE A 293 8.77 -38.32 5.37
CA ILE A 293 8.44 -39.72 5.64
C ILE A 293 8.61 -40.06 7.13
N PHE A 294 9.75 -39.69 7.70
CA PHE A 294 9.97 -40.03 9.11
C PHE A 294 8.90 -39.45 10.02
N PRO A 295 8.52 -38.17 9.91
CA PRO A 295 7.43 -37.68 10.77
C PRO A 295 6.08 -38.30 10.43
N SER A 296 5.86 -38.75 9.18
CA SER A 296 4.59 -39.38 8.81
C SER A 296 4.40 -40.75 9.43
N TYR A 297 5.50 -41.49 9.64
CA TYR A 297 5.42 -42.86 10.15
C TYR A 297 5.95 -43.01 11.57
N ASN A 298 6.38 -41.91 12.22
CA ASN A 298 7.07 -41.92 13.51
C ASN A 298 8.28 -42.84 13.51
N GLU A 299 8.74 -43.19 12.32
CA GLU A 299 9.83 -44.11 12.08
C GLU A 299 10.23 -43.94 10.62
N PHE A 300 11.32 -44.56 10.22
CA PHE A 300 11.53 -44.82 8.79
C PHE A 300 11.83 -46.30 8.68
N ASN A 301 10.95 -47.05 8.04
CA ASN A 301 11.18 -48.48 7.80
C ASN A 301 11.82 -48.61 6.43
N LEU A 302 13.12 -48.92 6.43
CA LEU A 302 13.95 -49.07 5.25
C LEU A 302 13.82 -50.49 4.72
N VAL A 303 13.16 -50.64 3.58
CA VAL A 303 13.09 -51.97 2.96
C VAL A 303 14.35 -52.16 2.12
N ARG A 304 15.01 -53.33 2.28
CA ARG A 304 16.20 -53.76 1.56
C ARG A 304 16.18 -55.28 1.48
N LYS A 305 16.79 -55.81 0.41
CA LYS A 305 17.02 -57.24 0.30
C LYS A 305 17.96 -57.70 1.41
N GLU A 306 17.79 -58.93 1.85
CA GLU A 306 18.66 -59.47 2.90
C GLU A 306 20.15 -59.35 2.52
N LYS A 307 20.46 -59.37 1.22
CA LYS A 307 21.84 -59.25 0.73
C LYS A 307 22.42 -57.84 0.89
N ASN A 308 21.57 -56.82 1.04
CA ASN A 308 21.96 -55.45 1.37
C ASN A 308 21.75 -55.08 2.83
N GLY A 309 21.49 -56.06 3.71
CA GLY A 309 21.25 -55.80 5.12
C GLY A 309 19.85 -56.15 5.61
N GLY A 310 18.89 -56.37 4.72
CA GLY A 310 17.51 -56.60 5.12
C GLY A 310 16.80 -55.32 5.60
N ASP A 311 15.47 -55.37 5.69
CA ASP A 311 14.69 -54.23 6.16
C ASP A 311 15.19 -53.79 7.55
N LYS A 312 15.04 -52.50 7.85
CA LYS A 312 15.46 -52.02 9.16
C LYS A 312 14.69 -50.75 9.52
N THR A 313 14.28 -50.63 10.78
CA THR A 313 13.57 -49.41 11.18
C THR A 313 14.49 -48.46 11.96
N TYR A 314 14.52 -47.21 11.51
CA TYR A 314 15.18 -46.13 12.24
C TYR A 314 14.11 -45.45 13.08
N TYR A 315 14.36 -45.34 14.38
CA TYR A 315 13.41 -44.76 15.32
C TYR A 315 13.80 -43.34 15.74
N THR A 316 15.01 -42.89 15.40
CA THR A 316 15.45 -41.51 15.62
C THR A 316 16.17 -41.05 14.37
N LEU A 317 16.11 -39.74 14.12
CA LEU A 317 16.87 -39.18 13.02
C LEU A 317 18.38 -39.34 13.25
N GLN A 318 18.82 -39.33 14.52
CA GLN A 318 20.23 -39.58 14.81
C GLN A 318 20.64 -40.97 14.32
N GLU A 319 19.79 -41.97 14.52
CA GLU A 319 20.04 -43.34 14.05
C GLU A 319 20.11 -43.42 12.53
N LEU A 320 19.13 -42.83 11.84
CA LEU A 320 19.11 -42.84 10.38
C LEU A 320 20.35 -42.15 9.80
N GLU A 321 20.69 -40.98 10.36
CA GLU A 321 21.84 -40.22 9.89
C GLU A 321 23.13 -40.99 10.13
N HIS A 322 23.28 -41.58 11.32
CA HIS A 322 24.45 -42.41 11.61
C HIS A 322 24.61 -43.52 10.57
N ASP A 323 23.52 -44.24 10.25
CA ASP A 323 23.71 -45.36 9.32
C ASP A 323 24.00 -44.91 7.90
N TYR A 324 23.35 -43.84 7.43
CA TYR A 324 23.63 -43.49 6.04
C TYR A 324 25.01 -42.83 5.89
N VAL A 325 25.38 -41.93 6.81
CA VAL A 325 26.66 -41.22 6.68
C VAL A 325 27.84 -42.18 6.73
N ASN A 326 27.69 -43.30 7.45
CA ASN A 326 28.69 -44.36 7.54
C ASN A 326 28.52 -45.43 6.46
N GLY A 327 27.64 -45.21 5.49
CA GLY A 327 27.50 -46.11 4.36
C GLY A 327 26.73 -47.39 4.62
N PHE A 328 26.02 -47.50 5.75
CA PHE A 328 25.22 -48.69 6.01
C PHE A 328 23.97 -48.73 5.13
N ILE A 329 23.60 -47.61 4.52
CA ILE A 329 22.40 -47.49 3.70
C ILE A 329 22.85 -47.19 2.26
N HIS A 330 22.45 -48.06 1.30
CA HIS A 330 22.76 -47.77 -0.10
C HIS A 330 21.93 -46.59 -0.57
N PRO A 331 22.51 -45.66 -1.36
CA PRO A 331 21.70 -44.52 -1.83
C PRO A 331 20.50 -45.00 -2.61
N LEU A 332 20.72 -45.93 -3.53
CA LEU A 332 19.62 -46.41 -4.34
C LEU A 332 18.54 -47.07 -3.48
N ASP A 333 18.91 -47.73 -2.36
CA ASP A 333 17.86 -48.24 -1.47
C ASP A 333 17.02 -47.09 -0.90
N LEU A 334 17.67 -45.97 -0.54
CA LEU A 334 16.95 -44.81 -0.04
C LEU A 334 16.02 -44.26 -1.10
N LYS A 335 16.45 -44.24 -2.37
CA LYS A 335 15.60 -43.76 -3.47
C LYS A 335 14.37 -44.65 -3.64
N ASP A 336 14.59 -45.95 -3.66
CA ASP A 336 13.51 -46.90 -3.89
C ASP A 336 12.41 -46.74 -2.86
N ASN A 337 12.80 -46.64 -1.56
CA ASN A 337 11.81 -46.46 -0.51
C ASN A 337 11.22 -45.04 -0.49
N VAL A 338 12.05 -44.01 -0.65
CA VAL A 338 11.51 -42.65 -0.69
C VAL A 338 10.43 -42.57 -1.75
N ALA A 339 10.72 -43.07 -2.95
CA ALA A 339 9.71 -43.04 -4.01
C ALA A 339 8.46 -43.83 -3.61
N MET A 340 8.60 -45.09 -3.16
CA MET A 340 7.32 -45.75 -2.88
C MET A 340 6.56 -45.09 -1.70
N TYR A 341 7.25 -44.59 -0.66
CA TYR A 341 6.56 -43.92 0.46
C TYR A 341 5.86 -42.62 0.01
N ILE A 342 6.53 -41.82 -0.84
CA ILE A 342 5.90 -40.62 -1.38
C ILE A 342 4.67 -41.02 -2.19
N ASN A 343 4.75 -42.17 -2.86
CA ASN A 343 3.60 -42.65 -3.64
C ASN A 343 2.44 -43.03 -2.74
N LYS A 344 2.71 -43.79 -1.69
CA LYS A 344 1.70 -44.10 -0.69
C LYS A 344 1.07 -42.82 -0.14
N LEU A 345 1.89 -41.82 0.19
CA LEU A 345 1.36 -40.59 0.78
C LEU A 345 0.50 -39.78 -0.19
N LEU A 346 0.83 -39.77 -1.49
CA LEU A 346 0.01 -39.05 -2.46
C LEU A 346 -1.24 -39.80 -2.89
N GLN A 347 -1.36 -41.07 -2.49
CA GLN A 347 -2.47 -41.91 -2.94
C GLN A 347 -3.82 -41.28 -2.62
N PRO A 348 -4.11 -40.90 -1.36
CA PRO A 348 -5.45 -40.32 -1.09
C PRO A 348 -5.75 -39.02 -1.83
N VAL A 349 -4.74 -38.21 -2.19
CA VAL A 349 -5.01 -37.07 -3.06
C VAL A 349 -5.34 -37.55 -4.47
N ARG A 350 -4.56 -38.48 -4.97
CA ARG A 350 -4.87 -39.08 -6.26
C ARG A 350 -6.29 -39.62 -6.28
N ASP A 351 -6.69 -40.32 -5.22
CA ASP A 351 -8.02 -40.91 -5.14
C ASP A 351 -9.10 -39.86 -5.11
N HIS A 352 -8.92 -38.81 -4.29
CA HIS A 352 -9.88 -37.74 -4.32
C HIS A 352 -10.05 -37.19 -5.72
N PHE A 353 -8.94 -37.04 -6.46
CA PHE A 353 -9.06 -36.39 -7.77
C PHE A 353 -9.44 -37.37 -8.88
N GLN A 354 -9.43 -38.66 -8.60
CA GLN A 354 -9.99 -39.57 -9.60
C GLN A 354 -11.48 -39.75 -9.38
N ASN A 355 -11.91 -39.87 -8.12
CA ASN A 355 -13.24 -40.35 -7.78
C ASN A 355 -14.22 -39.23 -7.49
N ASN A 356 -13.75 -38.07 -7.08
CA ASN A 356 -14.63 -36.92 -6.95
C ASN A 356 -14.64 -36.24 -8.30
N ILE A 357 -15.81 -36.15 -8.92
CA ILE A 357 -15.88 -35.69 -10.28
C ILE A 357 -15.58 -34.20 -10.39
N GLU A 358 -16.14 -33.39 -9.48
CA GLU A 358 -15.89 -31.95 -9.51
C GLU A 358 -14.42 -31.66 -9.32
N ALA A 359 -13.78 -32.41 -8.43
CA ALA A 359 -12.35 -32.23 -8.20
C ALA A 359 -11.54 -32.62 -9.43
N LYS A 360 -11.92 -33.73 -10.08
CA LYS A 360 -11.16 -34.14 -11.27
C LYS A 360 -11.18 -33.03 -12.31
N ASN A 361 -12.34 -32.40 -12.48
CA ASN A 361 -12.46 -31.35 -13.49
C ASN A 361 -11.77 -30.05 -13.10
N LEU A 362 -11.78 -29.75 -11.80
CA LEU A 362 -11.02 -28.61 -11.32
C LEU A 362 -9.54 -28.79 -11.64
N LEU A 363 -9.00 -29.97 -11.31
CA LEU A 363 -7.62 -30.29 -11.63
C LEU A 363 -7.38 -30.22 -13.13
N ASN A 364 -8.33 -30.70 -13.93
CA ASN A 364 -8.14 -30.60 -15.38
C ASN A 364 -8.04 -29.16 -15.82
N GLU A 365 -8.94 -28.30 -15.33
CA GLU A 365 -8.90 -26.89 -15.73
C GLU A 365 -7.61 -26.23 -15.29
N ILE A 366 -7.18 -26.46 -14.04
CA ILE A 366 -6.03 -25.68 -13.55
C ILE A 366 -4.74 -26.16 -14.19
N LYS A 367 -4.65 -27.44 -14.60
CA LYS A 367 -3.44 -27.87 -15.30
C LYS A 367 -3.27 -27.18 -16.65
N LYS A 368 -4.35 -26.68 -17.27
CA LYS A 368 -4.24 -25.94 -18.52
C LYS A 368 -3.68 -24.53 -18.36
N TYR A 369 -3.43 -24.05 -17.15
CA TYR A 369 -2.98 -22.67 -16.96
C TYR A 369 -1.50 -22.50 -17.27
N LYS A 370 -1.19 -21.39 -17.94
CA LYS A 370 0.19 -21.02 -18.20
C LYS A 370 0.77 -20.35 -16.97
N VAL A 371 1.97 -20.76 -16.57
CA VAL A 371 2.59 -20.30 -15.33
C VAL A 371 3.48 -19.10 -15.65
N THR A 372 3.20 -17.98 -14.96
CA THR A 372 3.89 -16.71 -15.20
C THR A 372 4.50 -16.16 -13.91
N LYS B 17 -30.25 28.36 -39.43
CA LYS B 17 -30.45 28.59 -38.00
C LYS B 17 -29.27 29.36 -37.37
N ALA B 18 -28.04 28.86 -37.43
CA ALA B 18 -26.84 29.53 -36.87
C ALA B 18 -26.63 29.13 -35.41
N GLN B 19 -27.51 28.29 -34.86
CA GLN B 19 -27.30 27.84 -33.50
C GLN B 19 -26.01 27.07 -33.37
N GLU B 20 -25.62 26.31 -34.41
CA GLU B 20 -24.36 25.58 -34.39
C GLU B 20 -23.19 26.53 -34.15
N GLU B 21 -23.15 27.61 -34.93
CA GLU B 21 -22.11 28.63 -34.79
C GLU B 21 -22.12 29.21 -33.38
N SER B 22 -23.31 29.49 -32.86
CA SER B 22 -23.37 30.07 -31.53
C SER B 22 -22.81 29.10 -30.47
N LYS B 23 -23.11 27.80 -30.60
CA LYS B 23 -22.58 26.78 -29.68
C LYS B 23 -21.07 26.63 -29.79
N ILE B 24 -20.52 26.67 -31.00
CA ILE B 24 -19.06 26.64 -31.15
C ILE B 24 -18.44 27.81 -30.41
N GLU B 25 -19.00 29.00 -30.59
CA GLU B 25 -18.48 30.18 -29.89
C GLU B 25 -18.61 30.03 -28.37
N ASP B 26 -19.73 29.48 -27.91
CA ASP B 26 -19.87 29.27 -26.46
C ASP B 26 -18.76 28.37 -25.95
N VAL B 27 -18.49 27.29 -26.66
CA VAL B 27 -17.46 26.36 -26.20
C VAL B 27 -16.11 27.05 -26.18
N ASP B 28 -15.80 27.80 -27.24
CA ASP B 28 -14.52 28.51 -27.30
C ASP B 28 -14.35 29.46 -26.14
N LYS B 29 -15.44 30.13 -25.76
CA LYS B 29 -15.34 31.06 -24.65
C LYS B 29 -15.11 30.30 -23.34
N ILE B 30 -15.90 29.24 -23.10
CA ILE B 30 -15.71 28.47 -21.85
C ILE B 30 -14.30 27.92 -21.76
N LEU B 31 -13.76 27.44 -22.89
CA LEU B 31 -12.39 26.93 -22.94
C LEU B 31 -11.37 28.03 -22.65
N ASN B 32 -11.50 29.20 -23.30
CA ASN B 32 -10.59 30.30 -22.96
C ASN B 32 -10.70 30.72 -21.51
N ASP B 33 -11.90 30.67 -20.93
CA ASP B 33 -12.00 31.07 -19.54
C ASP B 33 -11.36 30.00 -18.63
N ILE B 34 -11.74 28.72 -18.79
CA ILE B 34 -11.13 27.63 -18.00
C ILE B 34 -9.62 27.68 -18.09
N LEU B 35 -9.07 27.92 -19.28
CA LEU B 35 -7.62 28.03 -19.45
C LEU B 35 -7.05 29.29 -18.80
N SER B 36 -7.87 30.32 -18.61
CA SER B 36 -7.38 31.60 -18.09
C SER B 36 -6.78 31.48 -16.69
N ILE B 37 -7.46 30.76 -15.78
CA ILE B 37 -7.02 30.69 -14.38
C ILE B 37 -5.92 29.65 -14.17
N SER B 38 -5.43 29.04 -15.23
CA SER B 38 -4.44 27.98 -15.11
C SER B 38 -3.05 28.48 -15.48
N SER B 39 -2.04 27.91 -14.83
CA SER B 39 -0.68 28.16 -15.29
C SER B 39 -0.25 27.12 -16.32
N GLU B 40 -0.90 25.96 -16.32
CA GLU B 40 -0.58 25.02 -17.38
C GLU B 40 -1.75 24.10 -17.60
N CYS B 41 -1.98 23.72 -18.85
CA CYS B 41 -3.03 22.78 -19.18
C CYS B 41 -2.46 21.65 -20.02
N ILE B 42 -2.65 20.39 -19.56
CA ILE B 42 -2.21 19.19 -20.30
C ILE B 42 -3.48 18.40 -20.58
N GLN B 43 -4.05 18.46 -21.80
CA GLN B 43 -3.72 19.37 -22.93
C GLN B 43 -4.97 20.17 -23.31
N PRO B 44 -4.77 21.38 -23.88
CA PRO B 44 -5.93 22.20 -24.27
C PRO B 44 -6.88 21.56 -25.25
N ASP B 45 -6.39 20.91 -26.33
CA ASP B 45 -7.31 20.24 -27.25
C ASP B 45 -8.09 19.13 -26.56
N GLU B 46 -7.46 18.45 -25.58
CA GLU B 46 -8.20 17.44 -24.83
C GLU B 46 -9.31 18.07 -24.01
N LEU B 47 -9.05 19.25 -23.43
CA LEU B 47 -10.05 19.96 -22.63
C LEU B 47 -11.23 20.37 -23.48
N ARG B 48 -10.95 20.88 -24.69
CA ARG B 48 -12.02 21.12 -25.68
C ARG B 48 -12.89 19.87 -25.93
N VAL B 49 -12.25 18.69 -26.17
CA VAL B 49 -13.03 17.46 -26.37
C VAL B 49 -13.89 17.14 -25.14
N LYS B 50 -13.31 17.18 -23.95
CA LYS B 50 -14.11 16.93 -22.73
C LYS B 50 -15.37 17.80 -22.73
N LEU B 51 -15.21 19.08 -23.00
CA LEU B 51 -16.40 19.94 -23.08
C LEU B 51 -17.39 19.45 -24.14
N LEU B 52 -16.91 18.97 -25.29
CA LEU B 52 -18.01 18.62 -26.20
C LEU B 52 -18.80 17.39 -25.73
N LEU B 53 -18.38 16.75 -24.64
CA LEU B 53 -19.06 15.56 -24.11
C LEU B 53 -20.47 15.86 -23.65
N LYS B 54 -20.82 17.17 -23.53
CA LYS B 54 -22.16 17.70 -23.22
C LYS B 54 -22.62 17.29 -21.82
N ARG B 55 -21.76 17.48 -20.83
CA ARG B 55 -22.06 16.99 -19.50
C ARG B 55 -21.25 17.76 -18.47
N LYS B 56 -21.72 17.74 -17.21
CA LYS B 56 -20.93 18.34 -16.12
C LYS B 56 -19.56 17.67 -16.09
N LEU B 57 -18.46 18.45 -16.16
CA LEU B 57 -17.14 17.88 -15.94
C LEU B 57 -16.85 17.83 -14.45
N ILE B 58 -16.19 16.76 -14.03
CA ILE B 58 -15.78 16.64 -12.64
C ILE B 58 -14.36 17.15 -12.47
N CYS B 59 -14.19 18.17 -11.63
CA CYS B 59 -12.90 18.71 -11.26
C CYS B 59 -12.58 18.33 -9.82
N TYR B 60 -11.31 18.31 -9.48
CA TYR B 60 -11.02 18.14 -8.05
C TYR B 60 -9.69 18.71 -7.69
N ASP B 61 -9.55 18.93 -6.39
CA ASP B 61 -8.30 19.29 -5.75
C ASP B 61 -8.35 18.57 -4.42
N GLY B 62 -7.20 18.34 -3.83
CA GLY B 62 -7.19 17.66 -2.55
C GLY B 62 -6.23 18.30 -1.61
N PHE B 63 -6.47 18.05 -0.30
CA PHE B 63 -5.86 18.82 0.77
C PHE B 63 -5.55 17.94 1.96
N GLU B 64 -4.30 17.97 2.43
CA GLU B 64 -3.96 17.35 3.72
C GLU B 64 -4.41 18.25 4.87
N PRO B 65 -5.21 17.75 5.83
CA PRO B 65 -5.49 18.59 7.00
C PRO B 65 -4.29 18.62 7.93
N SER B 66 -3.39 19.57 7.75
CA SER B 66 -2.09 19.61 8.42
C SER B 66 -1.92 20.80 9.35
N GLY B 67 -2.87 21.72 9.40
CA GLY B 67 -2.81 22.85 10.31
C GLY B 67 -3.72 23.94 9.76
N ARG B 68 -3.55 25.14 10.29
CA ARG B 68 -4.47 26.20 9.81
C ARG B 68 -4.29 26.40 8.31
N MET B 69 -5.36 26.85 7.62
CA MET B 69 -5.33 26.89 6.17
C MET B 69 -4.59 28.13 5.64
N HIS B 70 -3.61 27.92 4.76
CA HIS B 70 -2.92 29.03 4.11
C HIS B 70 -3.87 29.70 3.12
N ILE B 71 -3.72 31.02 2.94
CA ILE B 71 -4.69 31.67 2.04
C ILE B 71 -4.67 31.12 0.64
N ALA B 72 -3.56 30.48 0.20
CA ALA B 72 -3.58 29.86 -1.14
C ALA B 72 -4.73 28.86 -1.30
N GLN B 73 -5.08 28.12 -0.23
CA GLN B 73 -6.07 27.07 -0.34
C GLN B 73 -7.49 27.54 -0.09
N GLY B 74 -7.68 28.83 0.27
CA GLY B 74 -9.00 29.42 0.53
C GLY B 74 -9.31 30.53 -0.48
N LEU B 75 -8.60 31.65 -0.32
CA LEU B 75 -8.89 32.84 -1.18
C LEU B 75 -8.53 32.58 -2.62
N LEU B 76 -7.31 32.06 -2.87
CA LEU B 76 -6.96 31.75 -4.26
C LEU B 76 -7.84 30.63 -4.81
N LYS B 77 -7.98 29.51 -4.06
CA LYS B 77 -8.80 28.39 -4.52
C LYS B 77 -10.23 28.85 -4.94
N SER B 78 -10.84 29.74 -4.17
CA SER B 78 -12.24 30.12 -4.42
C SER B 78 -12.43 30.79 -5.78
N ILE B 79 -11.41 31.52 -6.24
CA ILE B 79 -11.50 32.19 -7.55
C ILE B 79 -11.59 31.16 -8.67
N ILE B 80 -10.69 30.14 -8.65
CA ILE B 80 -10.67 29.14 -9.69
C ILE B 80 -11.93 28.29 -9.61
N VAL B 81 -12.33 27.91 -8.39
CA VAL B 81 -13.47 27.03 -8.25
C VAL B 81 -14.72 27.72 -8.77
N ASN B 82 -14.96 28.99 -8.36
CA ASN B 82 -16.18 29.66 -8.85
C ASN B 82 -16.14 29.86 -10.36
N LYS B 83 -14.97 30.14 -10.91
CA LYS B 83 -14.90 30.23 -12.39
C LYS B 83 -15.34 28.92 -13.03
N LEU B 84 -14.84 27.78 -12.51
CA LEU B 84 -15.13 26.51 -13.16
C LEU B 84 -16.57 26.10 -12.94
N THR B 85 -17.08 26.22 -11.69
CA THR B 85 -18.43 25.76 -11.44
C THR B 85 -19.46 26.63 -12.13
N SER B 86 -19.13 27.92 -12.37
CA SER B 86 -20.17 28.76 -12.97
C SER B 86 -20.33 28.42 -14.44
N ASN B 87 -19.34 27.71 -14.99
CA ASN B 87 -19.25 27.27 -16.37
C ASN B 87 -19.61 25.81 -16.48
N GLY B 88 -20.47 25.35 -15.57
CA GLY B 88 -21.12 24.07 -15.62
C GLY B 88 -20.38 22.90 -14.98
N CYS B 89 -19.31 23.10 -14.22
CA CYS B 89 -18.55 21.98 -13.66
C CYS B 89 -18.94 21.72 -12.22
N THR B 90 -18.64 20.51 -11.77
CA THR B 90 -18.76 20.20 -10.36
C THR B 90 -17.35 20.02 -9.84
N PHE B 91 -17.14 20.42 -8.59
CA PHE B 91 -15.79 20.48 -8.06
C PHE B 91 -15.78 19.70 -6.78
N ILE B 92 -14.88 18.73 -6.68
CA ILE B 92 -14.71 17.97 -5.46
C ILE B 92 -13.51 18.51 -4.68
N PHE B 93 -13.72 18.79 -3.39
CA PHE B 93 -12.66 19.01 -2.43
C PHE B 93 -12.40 17.68 -1.71
N TRP B 94 -11.25 17.14 -1.91
CA TRP B 94 -10.90 15.82 -1.33
C TRP B 94 -10.09 16.08 -0.05
N ILE B 95 -10.74 15.87 1.09
CA ILE B 95 -10.10 16.12 2.36
C ILE B 95 -9.26 14.88 2.62
N ALA B 96 -7.95 14.99 2.41
CA ALA B 96 -7.04 13.84 2.29
C ALA B 96 -6.51 13.45 3.68
N ASP B 97 -7.46 13.03 4.51
CA ASP B 97 -7.16 12.77 5.93
C ASP B 97 -6.14 11.64 6.08
N TRP B 98 -6.36 10.54 5.37
CA TRP B 98 -5.41 9.43 5.43
C TRP B 98 -4.06 9.81 4.87
N PHE B 99 -4.03 10.72 3.90
CA PHE B 99 -2.76 11.15 3.32
C PHE B 99 -1.96 11.98 4.32
N ALA B 100 -2.63 12.92 5.02
CA ALA B 100 -1.97 13.69 6.06
C ALA B 100 -1.36 12.74 7.10
N HIS B 101 -2.13 11.71 7.47
CA HIS B 101 -1.62 10.72 8.43
C HIS B 101 -0.38 9.99 7.87
N LEU B 102 -0.47 9.53 6.63
CA LEU B 102 0.65 8.86 5.97
C LEU B 102 1.85 9.77 5.89
N ASN B 103 1.63 11.10 5.79
CA ASN B 103 2.70 12.07 5.67
C ASN B 103 3.09 12.68 7.04
N ASN B 104 2.66 12.07 8.14
CA ASN B 104 3.14 12.44 9.49
C ASN B 104 2.72 13.85 9.94
N LYS B 105 1.58 14.31 9.47
CA LYS B 105 1.03 15.61 9.86
C LYS B 105 0.25 15.51 11.16
N MET B 106 0.22 16.60 11.91
CA MET B 106 -0.60 16.61 13.14
C MET B 106 -0.25 15.43 14.06
N SER B 107 1.04 15.11 14.17
CA SER B 107 1.51 14.02 15.01
C SER B 107 0.95 12.65 14.59
N GLY B 108 0.48 12.53 13.34
CA GLY B 108 -0.21 11.36 12.85
C GLY B 108 -1.58 11.13 13.46
N ASP B 109 -2.00 11.99 14.38
CA ASP B 109 -3.20 11.78 15.19
C ASP B 109 -4.46 12.01 14.34
N LEU B 110 -5.23 10.94 14.09
CA LEU B 110 -6.40 11.05 13.20
C LEU B 110 -7.51 11.89 13.81
N LYS B 111 -7.62 11.94 15.14
CA LYS B 111 -8.64 12.81 15.71
C LYS B 111 -8.32 14.26 15.39
N LYS B 112 -7.04 14.65 15.51
CA LYS B 112 -6.67 16.01 15.20
C LYS B 112 -6.88 16.30 13.71
N ILE B 113 -6.50 15.33 12.85
CA ILE B 113 -6.61 15.53 11.39
C ILE B 113 -8.07 15.73 11.02
N LYS B 114 -8.97 14.96 11.67
CA LYS B 114 -10.39 15.12 11.45
C LYS B 114 -10.89 16.50 11.87
N LYS B 115 -10.47 16.98 13.06
CA LYS B 115 -10.89 18.34 13.47
C LYS B 115 -10.43 19.37 12.49
N VAL B 116 -9.19 19.24 12.01
CA VAL B 116 -8.69 20.22 11.05
C VAL B 116 -9.51 20.16 9.77
N GLY B 117 -9.83 18.94 9.30
CA GLY B 117 -10.68 18.81 8.11
C GLY B 117 -12.04 19.48 8.26
N SER B 118 -12.67 19.31 9.44
CA SER B 118 -13.91 20.02 9.72
C SER B 118 -13.71 21.53 9.66
N TYR B 119 -12.61 22.04 10.24
CA TYR B 119 -12.31 23.48 10.16
C TYR B 119 -12.10 23.93 8.71
N PHE B 120 -11.45 23.10 7.89
CA PHE B 120 -11.31 23.43 6.45
C PHE B 120 -12.67 23.67 5.82
N ILE B 121 -13.60 22.75 6.11
CA ILE B 121 -14.93 22.88 5.51
C ILE B 121 -15.60 24.18 5.98
N GLU B 122 -15.48 24.53 7.28
CA GLU B 122 -16.04 25.81 7.76
C GLU B 122 -15.48 27.00 6.99
N VAL B 123 -14.16 27.00 6.81
CA VAL B 123 -13.50 28.06 6.04
C VAL B 123 -14.07 28.13 4.62
N TRP B 124 -14.06 26.99 3.94
CA TRP B 124 -14.45 27.01 2.52
C TRP B 124 -15.88 27.45 2.37
N LYS B 125 -16.77 27.01 3.27
CA LYS B 125 -18.15 27.49 3.10
C LYS B 125 -18.30 28.96 3.42
N SER B 126 -17.38 29.58 4.16
CA SER B 126 -17.57 31.01 4.37
C SER B 126 -16.71 31.86 3.47
N CYS B 127 -15.86 31.27 2.62
CA CYS B 127 -14.97 32.04 1.75
C CYS B 127 -15.34 31.87 0.27
N GLY B 128 -16.58 31.50 0.00
CA GLY B 128 -17.11 31.43 -1.34
C GLY B 128 -17.39 30.04 -1.90
N MET B 129 -17.45 29.01 -1.05
CA MET B 129 -17.75 27.68 -1.53
C MET B 129 -18.91 27.03 -0.82
N ASN B 130 -19.92 27.79 -0.40
CA ASN B 130 -21.13 27.19 0.10
C ASN B 130 -22.07 27.04 -1.10
N MET B 131 -22.02 25.89 -1.78
CA MET B 131 -22.73 25.85 -3.04
C MET B 131 -22.94 24.43 -3.52
N GLU B 132 -24.02 24.26 -4.31
CA GLU B 132 -24.46 22.93 -4.75
C GLU B 132 -23.39 22.19 -5.55
N ASN B 133 -22.63 22.90 -6.36
CA ASN B 133 -21.69 22.26 -7.28
C ASN B 133 -20.32 22.01 -6.69
N VAL B 134 -20.14 22.15 -5.37
CA VAL B 134 -18.88 21.83 -4.68
C VAL B 134 -19.23 20.72 -3.70
N GLN B 135 -18.41 19.68 -3.66
CA GLN B 135 -18.63 18.60 -2.72
C GLN B 135 -17.42 18.49 -1.85
N PHE B 136 -17.62 18.23 -0.56
CA PHE B 136 -16.49 18.05 0.35
C PHE B 136 -16.53 16.56 0.66
N LEU B 137 -15.54 15.83 0.16
CA LEU B 137 -15.50 14.37 0.35
C LEU B 137 -14.29 14.04 1.21
N TRP B 138 -14.43 13.07 2.13
CA TRP B 138 -13.33 12.64 2.99
C TRP B 138 -12.68 11.37 2.41
N ALA B 139 -11.35 11.38 2.27
CA ALA B 139 -10.71 10.26 1.61
C ALA B 139 -11.04 8.96 2.35
N SER B 140 -10.87 8.94 3.66
CA SER B 140 -11.09 7.70 4.42
C SER B 140 -12.51 7.17 4.24
N GLU B 141 -13.53 8.06 4.38
CA GLU B 141 -14.93 7.64 4.21
C GLU B 141 -15.16 7.08 2.81
N GLU B 142 -14.63 7.76 1.79
CA GLU B 142 -14.96 7.33 0.42
C GLU B 142 -14.24 6.05 0.05
N ILE B 143 -12.98 5.91 0.48
CA ILE B 143 -12.23 4.69 0.23
C ILE B 143 -12.91 3.53 0.91
N ASN B 144 -13.33 3.70 2.16
CA ASN B 144 -13.98 2.61 2.89
C ASN B 144 -15.39 2.27 2.42
N LYS B 145 -16.05 3.13 1.62
CA LYS B 145 -17.28 2.68 0.94
C LYS B 145 -17.04 1.67 -0.20
N LYS B 146 -15.89 1.73 -0.87
CA LYS B 146 -15.63 0.86 -2.02
C LYS B 146 -14.20 0.39 -1.97
N PRO B 147 -13.83 -0.31 -0.89
CA PRO B 147 -12.41 -0.56 -0.65
C PRO B 147 -11.81 -1.63 -1.56
N ASN B 148 -12.60 -2.57 -2.07
CA ASN B 148 -12.04 -3.52 -3.04
C ASN B 148 -11.66 -2.79 -4.32
N GLU B 149 -12.56 -1.97 -4.84
CA GLU B 149 -12.23 -1.15 -6.01
C GLU B 149 -11.00 -0.25 -5.77
N TYR B 150 -10.97 0.44 -4.60
CA TYR B 150 -9.91 1.44 -4.37
C TYR B 150 -8.57 0.77 -4.27
N TRP B 151 -8.46 -0.18 -3.34
CA TRP B 151 -7.15 -0.78 -3.15
C TRP B 151 -6.73 -1.66 -4.32
N SER B 152 -7.69 -2.23 -5.11
CA SER B 152 -7.27 -2.94 -6.31
C SER B 152 -6.62 -2.00 -7.32
N LEU B 153 -7.16 -0.78 -7.46
CA LEU B 153 -6.47 0.23 -8.26
C LEU B 153 -5.08 0.53 -7.74
N VAL B 154 -4.99 0.78 -6.44
CA VAL B 154 -3.69 1.12 -5.85
C VAL B 154 -2.68 0.03 -6.18
N LEU B 155 -3.06 -1.23 -5.97
CA LEU B 155 -2.17 -2.36 -6.24
C LEU B 155 -1.82 -2.45 -7.75
N ASP B 156 -2.80 -2.21 -8.63
CA ASP B 156 -2.49 -2.27 -10.07
C ASP B 156 -1.52 -1.18 -10.52
N ILE B 157 -1.72 0.04 -9.98
CA ILE B 157 -0.76 1.10 -10.26
C ILE B 157 0.60 0.70 -9.77
N SER B 158 0.70 0.14 -8.54
CA SER B 158 2.02 -0.25 -8.03
C SER B 158 2.70 -1.30 -8.93
N ARG B 159 1.92 -2.19 -9.54
CA ARG B 159 2.51 -3.16 -10.48
C ARG B 159 3.01 -2.53 -11.78
N SER B 160 2.50 -1.35 -12.13
CA SER B 160 2.83 -0.75 -13.43
C SER B 160 4.07 0.16 -13.47
N PHE B 161 4.59 0.59 -12.35
CA PHE B 161 5.66 1.59 -12.35
C PHE B 161 6.79 1.14 -11.45
N ASN B 162 8.02 1.47 -11.81
CA ASN B 162 9.14 1.05 -10.96
C ASN B 162 9.38 2.09 -9.86
N ILE B 163 10.16 1.68 -8.85
CA ILE B 163 10.35 2.50 -7.65
C ILE B 163 10.94 3.86 -7.99
N ASN B 164 11.91 3.91 -8.91
CA ASN B 164 12.49 5.22 -9.23
C ASN B 164 11.45 6.16 -9.82
N ARG B 165 10.57 5.62 -10.69
CA ARG B 165 9.53 6.49 -11.29
C ARG B 165 8.66 7.07 -10.19
N MET B 166 8.40 6.26 -9.18
CA MET B 166 7.52 6.71 -8.12
C MET B 166 8.21 7.69 -7.18
N LYS B 167 9.52 7.50 -6.94
CA LYS B 167 10.28 8.42 -6.11
C LYS B 167 10.28 9.81 -6.76
N ARG B 168 10.20 9.86 -8.07
CA ARG B 168 10.12 11.16 -8.72
C ARG B 168 8.83 11.91 -8.40
N CYS B 169 7.88 11.31 -7.70
CA CYS B 169 6.66 12.02 -7.29
C CYS B 169 6.80 12.63 -5.91
N LEU B 170 7.99 12.63 -5.33
CA LEU B 170 8.12 13.01 -3.94
C LEU B 170 7.62 14.44 -3.71
N LYS B 171 7.70 15.31 -4.73
CA LYS B 171 7.28 16.69 -4.47
C LYS B 171 5.82 16.77 -4.01
N ILE B 172 4.98 15.79 -4.40
CA ILE B 172 3.58 15.88 -4.01
C ILE B 172 3.36 15.76 -2.51
N MET B 173 4.32 15.19 -1.73
CA MET B 173 4.29 15.14 -0.27
C MET B 173 5.02 16.30 0.36
N GLY B 174 5.49 17.27 -0.43
CA GLY B 174 6.23 18.41 0.10
C GLY B 174 7.57 18.03 0.70
N ARG B 175 8.28 17.07 0.08
CA ARG B 175 9.50 16.50 0.63
C ARG B 175 10.63 16.54 -0.40
N SER B 176 11.87 16.65 0.12
CA SER B 176 13.11 16.61 -0.65
C SER B 176 13.73 15.23 -0.58
N GLU B 177 14.51 14.88 -1.61
CA GLU B 177 15.00 13.51 -1.67
C GLU B 177 16.13 13.24 -0.69
N GLY B 178 16.80 14.28 -0.18
CA GLY B 178 17.93 14.09 0.72
C GLY B 178 17.58 13.50 2.07
N GLU B 179 16.30 13.43 2.42
CA GLU B 179 15.87 12.90 3.70
C GLU B 179 15.60 11.40 3.56
N GLU B 180 15.35 10.74 4.69
CA GLU B 180 15.11 9.31 4.64
C GLU B 180 13.86 8.98 3.84
N ASN B 181 13.98 7.94 3.00
CA ASN B 181 12.90 7.58 2.06
C ASN B 181 12.10 6.43 2.64
N TYR B 182 11.05 6.77 3.39
CA TYR B 182 10.15 5.76 3.93
C TYR B 182 9.27 5.17 2.82
N CYS B 183 8.81 3.95 3.07
CA CYS B 183 7.94 3.29 2.09
C CYS B 183 6.62 4.03 1.86
N SER B 184 6.19 4.82 2.84
CA SER B 184 5.02 5.68 2.64
C SER B 184 5.18 6.55 1.41
N GLN B 185 6.43 6.89 1.04
CA GLN B 185 6.65 7.72 -0.14
C GLN B 185 6.40 6.97 -1.44
N ILE B 186 6.19 5.67 -1.37
CA ILE B 186 5.71 4.91 -2.48
C ILE B 186 4.22 4.77 -2.41
N LEU B 187 3.69 4.51 -1.21
CA LEU B 187 2.25 4.27 -1.17
C LEU B 187 1.49 5.55 -1.52
N TYR B 188 1.91 6.68 -0.93
CA TYR B 188 1.19 7.96 -1.08
C TYR B 188 0.98 8.28 -2.53
N PRO B 189 1.99 8.36 -3.39
CA PRO B 189 1.65 8.64 -4.80
C PRO B 189 0.81 7.53 -5.46
N CYS B 190 1.02 6.23 -5.12
CA CYS B 190 0.14 5.24 -5.72
C CYS B 190 -1.31 5.58 -5.41
N MET B 191 -1.57 5.97 -4.17
CA MET B 191 -2.92 6.28 -3.72
C MET B 191 -3.39 7.59 -4.34
N GLN B 192 -2.53 8.59 -4.41
CA GLN B 192 -3.05 9.84 -5.03
C GLN B 192 -3.39 9.57 -6.47
N CYS B 193 -2.58 8.72 -7.14
CA CYS B 193 -2.91 8.39 -8.53
C CYS B 193 -4.25 7.66 -8.59
N ALA B 194 -4.44 6.67 -7.70
CA ALA B 194 -5.71 5.94 -7.70
C ALA B 194 -6.89 6.90 -7.53
N ASP B 195 -6.72 7.96 -6.69
CA ASP B 195 -7.85 8.87 -6.42
C ASP B 195 -8.40 9.44 -7.71
N ILE B 196 -7.50 9.74 -8.66
CA ILE B 196 -7.92 10.42 -9.88
C ILE B 196 -8.93 9.57 -10.63
N PHE B 197 -8.70 8.25 -10.68
CA PHE B 197 -9.63 7.34 -11.31
C PHE B 197 -10.81 7.02 -10.41
N PHE B 198 -10.55 6.80 -9.12
CA PHE B 198 -11.61 6.42 -8.18
C PHE B 198 -12.73 7.48 -8.14
N LEU B 199 -12.35 8.75 -8.18
CA LEU B 199 -13.32 9.86 -8.21
C LEU B 199 -13.86 10.17 -9.61
N ASN B 200 -13.43 9.43 -10.64
CA ASN B 200 -13.89 9.66 -12.03
C ASN B 200 -13.67 11.11 -12.48
N VAL B 201 -12.49 11.64 -12.16
CA VAL B 201 -12.15 13.05 -12.42
C VAL B 201 -11.93 13.28 -13.92
N ASP B 202 -12.47 14.40 -14.43
CA ASP B 202 -12.15 14.86 -15.78
C ASP B 202 -10.97 15.80 -15.77
N ILE B 203 -10.88 16.65 -14.74
CA ILE B 203 -9.86 17.69 -14.63
C ILE B 203 -9.21 17.60 -13.28
N CYS B 204 -7.92 17.30 -13.25
CA CYS B 204 -7.15 17.47 -12.02
C CYS B 204 -6.76 18.93 -11.92
N GLN B 205 -7.30 19.64 -10.94
CA GLN B 205 -7.05 21.10 -10.77
C GLN B 205 -6.36 21.29 -9.42
N LEU B 206 -5.04 21.00 -9.37
CA LEU B 206 -4.21 21.12 -8.19
C LEU B 206 -3.08 22.08 -8.53
N GLY B 207 -2.32 22.42 -7.50
CA GLY B 207 -1.12 23.21 -7.73
C GLY B 207 -0.13 22.49 -8.62
N ILE B 208 0.72 23.28 -9.28
CA ILE B 208 1.71 22.68 -10.17
C ILE B 208 2.69 21.77 -9.40
N ASP B 209 2.81 21.93 -8.08
CA ASP B 209 3.71 21.02 -7.35
C ASP B 209 3.17 19.59 -7.30
N GLN B 210 1.94 19.35 -7.74
CA GLN B 210 1.35 18.00 -7.84
C GLN B 210 1.53 17.37 -9.22
N ARG B 211 2.18 18.09 -10.16
CA ARG B 211 2.14 17.69 -11.57
C ARG B 211 2.64 16.25 -11.77
N LYS B 212 3.71 15.86 -11.07
CA LYS B 212 4.30 14.54 -11.33
C LYS B 212 3.27 13.42 -11.20
N VAL B 213 2.44 13.49 -10.16
CA VAL B 213 1.55 12.33 -9.99
C VAL B 213 0.40 12.44 -10.97
N ASN B 214 0.02 13.66 -11.36
CA ASN B 214 -1.02 13.80 -12.38
C ASN B 214 -0.53 13.28 -13.73
N MET B 215 0.78 13.46 -13.99
CA MET B 215 1.33 12.92 -15.23
C MET B 215 1.40 11.41 -15.12
N LEU B 216 1.66 10.91 -13.90
CA LEU B 216 1.71 9.46 -13.71
C LEU B 216 0.36 8.89 -14.09
N ALA B 217 -0.72 9.60 -13.72
CA ALA B 217 -2.03 9.05 -14.01
C ALA B 217 -2.22 8.96 -15.50
N ARG B 218 -1.81 10.03 -16.22
CA ARG B 218 -1.95 9.98 -17.67
C ARG B 218 -1.13 8.83 -18.24
N GLU B 219 0.08 8.62 -17.72
CA GLU B 219 0.89 7.51 -18.20
C GLU B 219 0.19 6.18 -17.92
N TYR B 220 -0.47 6.07 -16.76
CA TYR B 220 -1.14 4.81 -16.46
C TYR B 220 -2.25 4.56 -17.46
N CYS B 221 -2.92 5.63 -17.92
CA CYS B 221 -3.95 5.38 -18.92
C CYS B 221 -3.34 4.78 -20.16
N ASP B 222 -2.19 5.30 -20.56
CA ASP B 222 -1.61 4.78 -21.79
C ASP B 222 -1.22 3.33 -21.61
N ILE B 223 -0.72 2.98 -20.41
CA ILE B 223 -0.27 1.61 -20.18
C ILE B 223 -1.43 0.63 -20.24
N LYS B 224 -2.55 1.00 -19.64
CA LYS B 224 -3.74 0.17 -19.55
C LYS B 224 -4.67 0.35 -20.74
N LYS B 225 -4.32 1.19 -21.70
CA LYS B 225 -5.20 1.45 -22.87
C LYS B 225 -6.53 2.05 -22.43
N ILE B 226 -6.54 2.85 -21.38
CA ILE B 226 -7.74 3.55 -20.97
C ILE B 226 -7.78 4.84 -21.79
N LYS B 227 -8.84 5.02 -22.58
CA LYS B 227 -8.91 6.19 -23.48
C LYS B 227 -9.41 7.45 -22.81
N LYS B 228 -10.20 7.33 -21.74
CA LYS B 228 -10.64 8.46 -20.94
C LYS B 228 -9.48 8.91 -20.06
N LYS B 229 -8.82 10.01 -20.42
CA LYS B 229 -7.66 10.47 -19.68
C LYS B 229 -7.97 11.79 -19.02
N PRO B 230 -7.44 12.03 -17.82
CA PRO B 230 -7.71 13.30 -17.14
C PRO B 230 -6.90 14.45 -17.73
N VAL B 231 -7.53 15.63 -17.78
CA VAL B 231 -6.81 16.87 -18.14
C VAL B 231 -6.16 17.43 -16.88
N ILE B 232 -4.89 17.80 -16.97
CA ILE B 232 -4.19 18.40 -15.83
C ILE B 232 -4.29 19.92 -16.00
N LEU B 233 -5.07 20.57 -15.15
CA LEU B 233 -5.25 22.05 -15.20
C LEU B 233 -4.61 22.62 -13.94
N SER B 234 -3.29 22.85 -14.00
CA SER B 234 -2.57 23.21 -12.80
C SER B 234 -2.58 24.72 -12.61
N HIS B 235 -2.74 25.14 -11.35
CA HIS B 235 -2.57 26.55 -10.99
C HIS B 235 -1.18 26.81 -10.42
N GLY B 236 -0.77 28.09 -10.50
CA GLY B 236 0.57 28.45 -10.08
C GLY B 236 0.70 28.47 -8.57
N MET B 237 1.93 28.24 -8.11
CA MET B 237 2.20 28.28 -6.66
C MET B 237 2.37 29.72 -6.18
N LEU B 238 1.68 30.09 -5.11
CA LEU B 238 1.95 31.40 -4.49
C LEU B 238 3.28 31.30 -3.76
N PRO B 239 4.22 32.20 -3.95
CA PRO B 239 5.50 32.05 -3.25
C PRO B 239 5.32 32.20 -1.75
N GLY B 240 6.27 31.65 -1.00
CA GLY B 240 6.21 31.77 0.45
C GLY B 240 6.26 33.22 0.90
N LEU B 241 5.59 33.48 2.02
CA LEU B 241 5.52 34.85 2.53
C LEU B 241 6.90 35.38 2.87
N LEU B 242 7.77 34.53 3.43
CA LEU B 242 9.15 34.92 3.76
C LEU B 242 10.12 34.30 2.74
N GLU B 243 11.23 34.97 2.50
CA GLU B 243 12.07 34.49 1.40
C GLU B 243 12.67 33.14 1.79
N GLU B 253 3.37 29.94 11.18
CA GLU B 253 3.18 30.93 12.25
C GLU B 253 3.26 32.35 11.66
N ASN B 254 4.42 33.01 11.76
CA ASN B 254 4.69 34.22 10.99
C ASN B 254 5.10 33.89 9.55
N SER B 255 5.05 32.61 9.16
CA SER B 255 5.51 32.19 7.84
C SER B 255 4.40 32.17 6.80
N ALA B 256 3.14 32.38 7.20
CA ALA B 256 2.10 32.41 6.19
C ALA B 256 0.90 33.17 6.72
N ILE B 257 0.08 33.71 5.79
CA ILE B 257 -1.20 34.27 6.18
C ILE B 257 -2.17 33.11 6.24
N PHE B 258 -2.92 32.99 7.35
CA PHE B 258 -3.96 31.99 7.47
C PHE B 258 -5.35 32.58 7.25
N MET B 259 -6.28 31.70 6.88
CA MET B 259 -7.61 32.14 6.47
C MET B 259 -8.42 32.69 7.63
N ASP B 260 -8.07 32.27 8.82
CA ASP B 260 -8.68 32.74 10.06
C ASP B 260 -7.94 33.91 10.74
N ASP B 261 -6.81 34.38 10.18
CA ASP B 261 -6.04 35.44 10.83
C ASP B 261 -6.86 36.70 11.09
N SER B 262 -6.60 37.35 12.21
CA SER B 262 -7.26 38.62 12.48
C SER B 262 -6.65 39.76 11.63
N GLU B 263 -7.33 40.92 11.65
CA GLU B 263 -6.80 42.03 10.86
C GLU B 263 -5.41 42.43 11.35
N SER B 264 -5.16 42.43 12.65
CA SER B 264 -3.81 42.81 13.08
C SER B 264 -2.77 41.75 12.71
N ASP B 265 -3.14 40.46 12.75
CA ASP B 265 -2.22 39.39 12.33
C ASP B 265 -1.83 39.54 10.88
N VAL B 266 -2.82 39.76 10.00
CA VAL B 266 -2.54 40.02 8.58
C VAL B 266 -1.64 41.23 8.44
N ASN B 267 -1.96 42.33 9.13
CA ASN B 267 -1.17 43.53 8.95
C ASN B 267 0.29 43.29 9.32
N ARG B 268 0.50 42.62 10.45
CA ARG B 268 1.84 42.33 10.94
C ARG B 268 2.63 41.43 10.00
N LYS B 269 1.99 40.36 9.48
CA LYS B 269 2.71 39.41 8.61
C LYS B 269 2.99 40.02 7.24
N ILE B 270 2.06 40.82 6.71
CA ILE B 270 2.35 41.49 5.44
C ILE B 270 3.49 42.48 5.61
N LYS B 271 3.50 43.22 6.74
CA LYS B 271 4.54 44.24 6.91
C LYS B 271 5.94 43.62 6.84
N LYS B 272 6.12 42.41 7.36
CA LYS B 272 7.43 41.77 7.39
C LYS B 272 7.72 40.85 6.19
N ALA B 273 6.78 40.72 5.25
CA ALA B 273 6.93 39.74 4.17
C ALA B 273 8.02 40.15 3.19
N TYR B 274 8.45 39.17 2.41
CA TYR B 274 9.39 39.38 1.31
C TYR B 274 8.67 40.12 0.18
N CYS B 275 9.25 41.21 -0.29
CA CYS B 275 8.66 42.00 -1.39
C CYS B 275 9.80 42.73 -2.08
N PRO B 276 10.62 42.01 -2.84
CA PRO B 276 11.82 42.63 -3.43
C PRO B 276 11.45 43.78 -4.35
N PRO B 277 12.11 44.94 -4.23
CA PRO B 277 11.84 46.06 -5.16
C PRO B 277 12.09 45.61 -6.60
N ASN B 278 11.18 46.00 -7.47
CA ASN B 278 11.27 45.82 -8.91
C ASN B 278 11.19 44.37 -9.38
N VAL B 279 10.97 43.41 -8.50
CA VAL B 279 11.04 41.98 -8.83
C VAL B 279 9.70 41.32 -8.55
N ILE B 280 9.17 40.66 -9.59
CA ILE B 280 7.94 39.93 -9.46
C ILE B 280 8.20 38.46 -9.13
N GLU B 281 9.28 37.89 -9.66
CA GLU B 281 9.54 36.46 -9.50
C GLU B 281 9.72 36.17 -8.01
N ASN B 282 8.99 35.17 -7.48
CA ASN B 282 9.10 34.74 -6.08
C ASN B 282 8.60 35.78 -5.08
N ASN B 283 7.90 36.84 -5.55
CA ASN B 283 7.41 37.92 -4.69
C ASN B 283 5.99 37.62 -4.17
N PRO B 284 5.80 37.25 -2.92
CA PRO B 284 4.44 36.85 -2.48
C PRO B 284 3.44 37.98 -2.44
N ILE B 285 3.88 39.19 -2.05
CA ILE B 285 3.00 40.35 -2.01
C ILE B 285 2.46 40.63 -3.40
N TYR B 286 3.35 40.70 -4.37
CA TYR B 286 2.88 40.93 -5.74
C TYR B 286 1.96 39.79 -6.18
N ALA B 287 2.29 38.53 -5.82
CA ALA B 287 1.44 37.41 -6.20
C ALA B 287 0.04 37.54 -5.63
N TYR B 288 -0.08 38.02 -4.39
CA TYR B 288 -1.42 38.24 -3.81
C TYR B 288 -2.18 39.31 -4.62
N ALA B 289 -1.49 40.40 -4.95
CA ALA B 289 -2.16 41.43 -5.77
C ALA B 289 -2.64 40.84 -7.10
N LYS B 290 -1.78 40.09 -7.78
CA LYS B 290 -2.07 39.69 -9.15
C LYS B 290 -3.05 38.54 -9.20
N SER B 291 -2.92 37.55 -8.29
CA SER B 291 -3.66 36.30 -8.40
C SER B 291 -4.87 36.20 -7.49
N ILE B 292 -4.94 36.98 -6.41
CA ILE B 292 -6.08 36.97 -5.51
C ILE B 292 -6.91 38.25 -5.63
N ILE B 293 -6.26 39.41 -5.48
CA ILE B 293 -6.99 40.68 -5.33
C ILE B 293 -7.51 41.17 -6.68
N PHE B 294 -6.64 41.23 -7.68
CA PHE B 294 -7.08 41.76 -8.98
C PHE B 294 -8.25 41.00 -9.57
N PRO B 295 -8.25 39.67 -9.63
CA PRO B 295 -9.42 38.96 -10.15
C PRO B 295 -10.65 39.14 -9.29
N SER B 296 -10.49 39.31 -7.98
CA SER B 296 -11.65 39.50 -7.09
C SER B 296 -12.33 40.85 -7.31
N TYR B 297 -11.58 41.88 -7.65
CA TYR B 297 -12.19 43.20 -7.79
C TYR B 297 -12.19 43.71 -9.23
N ASN B 298 -11.66 42.94 -10.17
CA ASN B 298 -11.44 43.38 -11.55
C ASN B 298 -10.67 44.70 -11.61
N GLU B 299 -9.94 45.01 -10.55
CA GLU B 299 -9.10 46.20 -10.54
C GLU B 299 -8.15 46.03 -9.37
N PHE B 300 -7.18 46.91 -9.29
CA PHE B 300 -6.41 47.05 -8.05
C PHE B 300 -6.27 48.52 -7.72
N ASN B 301 -6.86 48.95 -6.61
CA ASN B 301 -6.78 50.35 -6.22
C ASN B 301 -5.59 50.56 -5.26
N LEU B 302 -4.55 51.23 -5.72
CA LEU B 302 -3.36 51.52 -4.91
C LEU B 302 -3.52 52.88 -4.22
N VAL B 303 -3.81 52.88 -2.92
CA VAL B 303 -3.90 54.15 -2.18
C VAL B 303 -2.50 54.55 -1.73
N ARG B 304 -2.11 55.80 -1.98
CA ARG B 304 -0.76 56.32 -1.67
C ARG B 304 -0.83 57.81 -1.45
N LYS B 305 0.11 58.34 -0.68
CA LYS B 305 0.26 59.79 -0.62
C LYS B 305 0.65 60.37 -1.97
N GLU B 306 0.24 61.62 -2.22
CA GLU B 306 0.59 62.26 -3.49
C GLU B 306 2.09 62.28 -3.72
N LYS B 307 2.88 62.48 -2.66
CA LYS B 307 4.31 62.60 -2.92
C LYS B 307 4.93 61.26 -3.34
N ASN B 308 4.24 60.15 -3.07
CA ASN B 308 4.67 58.82 -3.48
C ASN B 308 4.01 58.37 -4.79
N GLY B 309 3.34 59.30 -5.50
CA GLY B 309 2.67 58.96 -6.73
C GLY B 309 1.15 59.09 -6.67
N GLY B 310 0.58 59.19 -5.47
CA GLY B 310 -0.86 59.30 -5.29
C GLY B 310 -1.68 58.05 -5.62
N ASP B 311 -2.95 58.04 -5.18
CA ASP B 311 -3.81 56.91 -5.46
C ASP B 311 -3.82 56.62 -6.95
N LYS B 312 -3.94 55.35 -7.29
CA LYS B 312 -4.06 55.01 -8.71
C LYS B 312 -4.86 53.71 -8.82
N THR B 313 -5.78 53.67 -9.78
CA THR B 313 -6.58 52.47 -10.02
C THR B 313 -6.01 51.80 -11.25
N TYR B 314 -5.60 50.53 -11.07
CA TYR B 314 -5.10 49.70 -12.15
C TYR B 314 -6.24 48.86 -12.73
N TYR B 315 -6.45 48.97 -14.03
CA TYR B 315 -7.42 48.11 -14.68
C TYR B 315 -6.80 46.93 -15.43
N THR B 316 -5.46 46.85 -15.55
CA THR B 316 -4.86 45.69 -16.21
C THR B 316 -3.66 45.21 -15.38
N LEU B 317 -3.46 43.90 -15.41
CA LEU B 317 -2.24 43.34 -14.83
C LEU B 317 -1.02 43.81 -15.59
N GLN B 318 -1.17 44.08 -16.89
CA GLN B 318 -0.03 44.56 -17.67
C GLN B 318 0.53 45.87 -17.09
N GLU B 319 -0.34 46.81 -16.78
CA GLU B 319 0.12 48.07 -16.19
C GLU B 319 0.68 47.84 -14.78
N LEU B 320 0.01 47.01 -13.97
CA LEU B 320 0.53 46.78 -12.62
C LEU B 320 1.95 46.22 -12.68
N GLU B 321 2.19 45.29 -13.59
CA GLU B 321 3.52 44.67 -13.72
C GLU B 321 4.53 45.66 -14.23
N HIS B 322 4.19 46.41 -15.28
CA HIS B 322 5.09 47.46 -15.74
C HIS B 322 5.45 48.41 -14.59
N ASP B 323 4.46 48.85 -13.83
CA ASP B 323 4.72 49.85 -12.81
C ASP B 323 5.53 49.28 -11.66
N TYR B 324 5.32 48.00 -11.31
CA TYR B 324 6.13 47.46 -10.22
C TYR B 324 7.56 47.21 -10.68
N VAL B 325 7.70 46.69 -11.90
CA VAL B 325 9.07 46.36 -12.36
C VAL B 325 9.88 47.62 -12.58
N ASN B 326 9.23 48.72 -12.97
CA ASN B 326 9.97 49.94 -13.17
C ASN B 326 10.10 50.79 -11.91
N GLY B 327 9.65 50.26 -10.77
CA GLY B 327 9.80 50.99 -9.52
C GLY B 327 8.81 52.12 -9.29
N PHE B 328 7.71 52.20 -10.08
CA PHE B 328 6.75 53.27 -9.80
C PHE B 328 5.94 52.95 -8.55
N ILE B 329 5.91 51.68 -8.15
CA ILE B 329 5.18 51.21 -6.99
C ILE B 329 6.23 50.72 -6.01
N HIS B 330 6.32 51.39 -4.88
CA HIS B 330 7.27 50.98 -3.85
C HIS B 330 6.71 49.82 -3.03
N PRO B 331 7.59 48.96 -2.52
CA PRO B 331 7.09 47.83 -1.74
C PRO B 331 6.18 48.24 -0.59
N LEU B 332 6.49 49.30 0.15
CA LEU B 332 5.65 49.63 1.31
C LEU B 332 4.22 49.96 0.89
N ASP B 333 4.06 50.66 -0.24
CA ASP B 333 2.72 51.00 -0.75
C ASP B 333 1.96 49.77 -1.22
N LEU B 334 2.67 48.87 -1.92
CA LEU B 334 2.00 47.64 -2.34
C LEU B 334 1.61 46.82 -1.12
N LYS B 335 2.49 46.77 -0.11
CA LYS B 335 2.17 46.01 1.10
C LYS B 335 0.96 46.58 1.81
N ASP B 336 0.92 47.91 2.02
CA ASP B 336 -0.21 48.49 2.73
C ASP B 336 -1.51 48.16 2.03
N ASN B 337 -1.53 48.26 0.68
CA ASN B 337 -2.76 48.01 -0.05
C ASN B 337 -3.14 46.54 -0.06
N VAL B 338 -2.15 45.65 -0.23
CA VAL B 338 -2.42 44.20 -0.19
C VAL B 338 -3.01 43.81 1.16
N ALA B 339 -2.45 44.36 2.26
CA ALA B 339 -2.98 44.03 3.60
C ALA B 339 -4.44 44.45 3.71
N MET B 340 -4.76 45.69 3.24
CA MET B 340 -6.14 46.16 3.33
C MET B 340 -7.10 45.25 2.57
N TYR B 341 -6.73 44.88 1.34
CA TYR B 341 -7.53 43.97 0.53
C TYR B 341 -7.65 42.57 1.12
N ILE B 342 -6.56 42.01 1.63
CA ILE B 342 -6.70 40.68 2.22
C ILE B 342 -7.68 40.73 3.39
N ASN B 343 -7.63 41.80 4.19
CA ASN B 343 -8.57 41.91 5.32
C ASN B 343 -10.02 42.05 4.84
N LYS B 344 -10.26 42.87 3.79
CA LYS B 344 -11.60 42.91 3.19
C LYS B 344 -12.05 41.51 2.74
N LEU B 345 -11.18 40.80 2.02
CA LEU B 345 -11.57 39.50 1.47
C LEU B 345 -11.79 38.48 2.57
N LEU B 346 -11.07 38.57 3.67
CA LEU B 346 -11.26 37.60 4.75
C LEU B 346 -12.42 37.93 5.67
N GLN B 347 -13.08 39.07 5.47
CA GLN B 347 -14.14 39.45 6.42
C GLN B 347 -15.17 38.35 6.68
N PRO B 348 -15.76 37.68 5.68
CA PRO B 348 -16.81 36.71 5.99
C PRO B 348 -16.24 35.51 6.78
N VAL B 349 -14.97 35.17 6.56
CA VAL B 349 -14.34 34.09 7.36
C VAL B 349 -14.13 34.55 8.81
N ARG B 350 -13.52 35.74 8.98
CA ARG B 350 -13.34 36.31 10.32
C ARG B 350 -14.66 36.34 11.05
N ASP B 351 -15.68 36.87 10.39
CA ASP B 351 -16.95 36.98 11.09
C ASP B 351 -17.52 35.61 11.47
N HIS B 352 -17.44 34.62 10.56
CA HIS B 352 -17.95 33.28 10.85
C HIS B 352 -17.26 32.73 12.11
N PHE B 353 -15.95 32.89 12.20
CA PHE B 353 -15.24 32.26 13.34
C PHE B 353 -15.25 33.10 14.60
N GLN B 354 -15.60 34.38 14.49
CA GLN B 354 -15.78 35.22 15.67
C GLN B 354 -17.18 35.08 16.25
N ASN B 355 -18.18 34.90 15.38
CA ASN B 355 -19.58 35.04 15.76
C ASN B 355 -20.36 33.74 15.85
N ASN B 356 -19.92 32.71 15.17
CA ASN B 356 -20.50 31.38 15.27
C ASN B 356 -19.79 30.61 16.41
N ILE B 357 -20.56 30.25 17.44
CA ILE B 357 -19.96 29.74 18.68
C ILE B 357 -19.24 28.41 18.44
N GLU B 358 -19.87 27.51 17.67
CA GLU B 358 -19.27 26.21 17.40
C GLU B 358 -18.01 26.35 16.57
N ALA B 359 -18.02 27.25 15.59
CA ALA B 359 -16.84 27.43 14.76
C ALA B 359 -15.71 28.07 15.59
N LYS B 360 -16.06 29.04 16.46
CA LYS B 360 -15.08 29.67 17.34
C LYS B 360 -14.43 28.62 18.23
N ASN B 361 -15.24 27.74 18.80
CA ASN B 361 -14.66 26.70 19.67
C ASN B 361 -13.78 25.73 18.90
N LEU B 362 -14.16 25.39 17.66
CA LEU B 362 -13.34 24.52 16.82
C LEU B 362 -11.98 25.14 16.48
N LEU B 363 -12.00 26.40 16.05
CA LEU B 363 -10.75 27.10 15.77
C LEU B 363 -9.89 27.17 17.03
N ASN B 364 -10.52 27.45 18.17
CA ASN B 364 -9.72 27.56 19.39
C ASN B 364 -9.02 26.24 19.66
N GLU B 365 -9.71 25.11 19.44
CA GLU B 365 -9.07 23.81 19.64
C GLU B 365 -7.92 23.59 18.67
N ILE B 366 -8.14 23.84 17.37
CA ILE B 366 -7.10 23.46 16.43
C ILE B 366 -5.91 24.40 16.48
N LYS B 367 -6.09 25.64 16.95
CA LYS B 367 -4.97 26.55 17.11
C LYS B 367 -3.96 26.03 18.11
N LYS B 368 -4.41 25.23 19.06
CA LYS B 368 -3.52 24.67 20.06
C LYS B 368 -2.70 23.48 19.56
N TYR B 369 -2.96 22.97 18.37
CA TYR B 369 -2.25 21.77 17.89
C TYR B 369 -0.85 22.12 17.42
N LYS B 370 0.11 21.26 17.73
CA LYS B 370 1.46 21.44 17.23
C LYS B 370 1.55 20.95 15.80
N VAL B 371 2.25 21.70 14.95
CA VAL B 371 2.37 21.38 13.53
C VAL B 371 3.63 20.55 13.30
N THR B 372 3.48 19.36 12.69
CA THR B 372 4.58 18.41 12.49
C THR B 372 4.67 18.02 11.02
N LYS B 373 5.69 17.22 10.72
CA LYS B 373 5.96 16.61 9.42
C LYS B 373 6.83 15.35 9.64
C02 A1AZG C . 7.04 -20.94 1.51
C03 A1AZG C . 6.71 -22.52 1.36
C05 A1AZG C . 4.70 -21.36 1.36
C06 A1AZG C . 5.78 -20.44 2.16
C08 A1AZG C . 4.13 -20.70 0.16
C12 A1AZG C . 4.87 -16.98 -0.56
C13 A1AZG C . 4.30 -15.87 0.37
C15 A1AZG C . 2.66 -15.88 0.30
C16 A1AZG C . 2.16 -15.18 1.46
C17 A1AZG C . 1.53 -13.91 1.41
C18 A1AZG C . 1.13 -13.25 2.56
C19 A1AZG C . 1.29 -13.81 3.79
C20 A1AZG C . 1.91 -15.07 3.88
C21 A1AZG C . 2.34 -15.73 2.70
C27 A1AZG C . 8.45 -24.21 0.61
C29 A1AZG C . 9.52 -25.85 1.73
C31 A1AZG C . 10.08 -25.56 -0.56
C33 A1AZG C . 9.14 -24.48 -0.60
C34 A1AZG C . 8.63 -23.51 -1.57
C35 A1AZG C . 9.02 -23.39 -3.06
C36 A1AZG C . 9.95 -22.22 -3.42
C37 A1AZG C . 7.69 -23.27 -4.05
N11 A1AZG C . 4.04 -17.97 -1.12
N14 A1AZG C . 5.02 -14.62 0.11
N26 A1AZG C . 7.58 -23.15 0.38
N28 A1AZG C . 8.63 -24.85 1.80
N30 A1AZG C . 10.26 -26.20 0.63
N32 A1AZG C . 10.83 -25.96 -1.63
N38 A1AZG C . 7.68 -22.74 -0.94
O01 A1AZG C . 8.11 -20.67 2.38
O04 A1AZG C . 5.38 -22.54 0.91
O07 A1AZG C . 5.78 -20.81 3.52
O09 A1AZG C . 5.01 -20.32 -0.80
O22 A1AZG C . 0.86 -13.21 4.87
O23 A1AZG C . 6.09 -17.07 -0.88
O24 A1AZG C . 3.21 -19.94 -2.51
O25 A1AZG C . 5.51 -19.15 -2.85
S10 A1AZG C . 4.39 -19.27 -2.01
H021 A1AZG C . 7.13 -20.42 0.70
H031 A1AZG C . 6.77 -23.01 2.19
H051 A1AZG C . 3.96 -21.49 1.96
H061 A1AZG C . 5.74 -19.49 1.98
H082 A1AZG C . 3.50 -21.34 -0.21
H081 A1AZG C . 3.65 -19.93 0.50
H131 A1AZG C . 4.50 -16.00 1.30
H151 A1AZG C . 2.34 -16.79 0.23
H152 A1AZG C . 2.37 -15.49 -0.54
H171 A1AZG C . 1.38 -13.51 0.58
H181 A1AZG C . 0.74 -12.40 2.47
H201 A1AZG C . 2.05 -15.48 4.71
H211 A1AZG C . 2.75 -16.56 2.78
H291 A1AZG C . 9.65 -26.34 2.52
H351 A1AZG C . 9.51 -24.19 -3.30
H362 A1AZG C . 9.47 -21.39 -3.59
H363 A1AZG C . 10.47 -22.38 -4.22
H361 A1AZG C . 10.59 -22.01 -2.74
H373 A1AZG C . 7.00 -22.65 -3.75
H372 A1AZG C . 7.20 -24.10 -4.19
H371 A1AZG C . 7.87 -22.97 -4.96
H111 A1AZG C . 3.23 -17.80 -0.91
H142 A1AZG C . 4.76 -13.97 0.62
H141 A1AZG C . 5.90 -14.67 0.18
H321 A1AZG C . 11.60 -26.37 -1.56
H322 A1AZG C . 10.67 -25.85 -2.46
H011 A1AZG C . 8.86 -20.93 2.05
H071 A1AZG C . 6.35 -21.40 3.70
H221 A1AZG C . 0.18 -13.54 5.23
C1 MLI D . 3.97 -13.29 25.13
C2 MLI D . 3.49 -12.96 23.71
C3 MLI D . 5.03 -12.28 25.66
O6 MLI D . 2.37 -13.45 23.37
O7 MLI D . 4.22 -12.23 23.00
O8 MLI D . 5.66 -11.58 24.81
O9 MLI D . 5.20 -12.23 26.91
H11 MLI D . 4.37 -14.18 25.15
H12 MLI D . 3.23 -13.31 25.75
CL CL E . -12.26 -2.44 9.43
NA NA F . 7.52 -17.81 -2.59
C02 A1AZG G . -1.42 22.27 -3.62
C03 A1AZG G . -2.21 23.57 -3.18
C05 A1AZG G . -3.43 21.76 -2.51
C06 A1AZG G . -2.53 21.31 -3.74
C08 A1AZG G . -3.21 21.04 -1.23
C12 A1AZG G . -1.09 17.86 -1.24
C13 A1AZG G . -1.69 16.64 -1.86
C15 A1AZG G . -2.98 16.13 -1.09
C16 A1AZG G . -3.74 15.20 -1.95
C17 A1AZG G . -3.89 13.84 -1.69
C18 A1AZG G . -4.58 13.00 -2.54
C19 A1AZG G . -5.19 13.48 -3.71
C20 A1AZG G . -5.03 14.81 -4.01
C21 A1AZG G . -4.32 15.63 -3.16
C27 A1AZG G . -0.87 25.72 -3.08
C29 A1AZG G . -0.77 27.49 -4.48
C31 A1AZG G . 0.63 27.48 -2.55
C33 A1AZG G . 0.09 26.24 -2.21
C34 A1AZG G . 0.28 25.22 -1.16
C35 A1AZG G . 1.17 25.26 0.09
C36 A1AZG G . 1.32 23.93 0.80
C37 A1AZG G . 0.48 26.36 1.12
N11 A1AZG G . -1.80 18.54 -0.30
N14 A1AZG G . -0.77 15.70 -2.01
N26 A1AZG G . -1.25 24.46 -2.60
N28 A1AZG G . -1.34 26.31 -4.22
N30 A1AZG G . 0.20 28.10 -3.72
N32 A1AZG G . 1.59 28.04 -1.80
N38 A1AZG G . -0.55 24.17 -1.44
O01 A1AZG G . -0.74 22.32 -4.87
O04 A1AZG G . -3.12 23.14 -2.24
O07 A1AZG G . -3.32 21.47 -4.93
O09 A1AZG G . -1.97 21.05 -0.79
O22 A1AZG G . -5.86 12.68 -4.53
O23 A1AZG G . 0.05 18.29 -1.53
O24 A1AZG G . -2.52 20.14 1.50
O25 A1AZG G . -0.24 20.20 0.81
S10 A1AZG G . -1.58 19.94 0.46
H021 A1AZG G . -0.80 21.91 -2.95
H031 A1AZG G . -2.72 24.03 -3.87
H051 A1AZG G . -4.34 21.53 -2.77
H061 A1AZG G . -2.04 20.48 -3.68
H082 A1AZG G . -3.81 21.44 -0.59
H081 A1AZG G . -3.50 20.12 -1.39
H131 A1AZG G . -1.98 16.87 -2.75
H151 A1AZG G . -3.50 16.91 -0.80
H152 A1AZG G . -2.70 15.74 -0.24
H171 A1AZG G . -3.52 13.48 -0.92
H181 A1AZG G . -4.64 12.10 -2.33
H201 A1AZG G . -5.41 15.18 -4.78
H211 A1AZG G . -4.21 16.53 -3.39
H291 A1AZG G . -1.07 27.94 -5.24
H351 A1AZG G . 2.09 25.50 -0.09
H362 A1AZG G . 1.82 23.99 1.63
H363 A1AZG G . 1.79 23.26 0.27
H361 A1AZG G . 0.48 23.51 1.04
H373 A1AZG G . 0.43 27.26 0.77
H372 A1AZG G . 0.95 26.47 1.96
H371 A1AZG G . -0.43 26.16 1.37
H111 A1AZG G . -2.50 18.07 -0.11
H142 A1AZG G . 0.08 15.96 -1.82
H141 A1AZG G . -0.75 15.33 -2.80
H321 A1AZG G . 2.33 28.35 -2.11
H322 A1AZG G . 1.59 28.13 -0.94
H011 A1AZG G . 0.13 22.36 -4.78
H071 A1AZG G . -3.19 22.23 -5.34
H221 A1AZG G . -6.68 12.55 -4.35
C1 MLI H . -12.33 12.17 -23.90
C2 MLI H . -11.98 11.97 -22.43
C3 MLI H . -11.42 11.59 -25.02
O6 MLI H . -10.81 11.60 -22.10
O7 MLI H . -12.93 12.22 -21.64
O8 MLI H . -11.91 11.34 -26.16
O9 MLI H . -10.23 11.42 -24.65
H11 MLI H . -12.39 13.12 -24.08
H12 MLI H . -13.21 11.80 -24.06
CL CL I . -15.64 -2.17 -3.73
NA NA J . -3.75 59.43 -1.52
NA NA K . -21.96 21.76 -1.66
NA NA L . 1.74 19.50 -0.41
#